data_7UT5
#
_entry.id   7UT5
#
_cell.length_a   45.530
_cell.length_b   89.770
_cell.length_c   84.417
_cell.angle_alpha   90.000
_cell.angle_beta   90.036
_cell.angle_gamma   90.000
#
_symmetry.space_group_name_H-M   'P 1 21 1'
#
loop_
_entity.id
_entity.type
_entity.pdbx_description
1 polymer 'Dihydroorotate dehydrogenase (quinone)'
2 non-polymer (4R)-7-methyl-N-[4-(pentafluoro-lambda~6~-sulfanyl)phenyl]imidazo[1,2-a]pyrimidin-5-amine
3 non-polymer 'FLAVIN MONONUCLEOTIDE'
4 non-polymer 'OROTIC ACID'
5 non-polymer GLYCEROL
6 water water
#
_entity_poly.entity_id   1
_entity_poly.type   'polypeptide(L)'
_entity_poly.pdbx_seq_one_letter_code
;MGSSHHHHHHSSGLVPRGSHMLYSLARPMLFSLAPERAHELTLSMLDKAHKLGMMRQTVEAKPTTCMGIEFPNPVGLAAG
LDKNGAHIDALAGLGFGFIEIGTITPRPQSGNPKPRLFRIPEAKAIINRMGFNNDGVDKLIENVKASKFRGILGINIGKN
ADTPVEKAVDDYLICLEKVYNYASYITVNISSPNTKNLRSLQSGDALTELLQTLKARQLELAEQYNHYVPLVLKVAPDLT
AEDVEFISAQLLDFKIDGLIVTNTTLSREGVENLPYGNESGGLSGAPVFEKSTECLRLFAQTLKGQIPLIGVGGILSGEQ
AAAKQQAGATLVQIYSGLIYTGPTLVKQCVEAMT
;
_entity_poly.pdbx_strand_id   A,B
#
loop_
_chem_comp.id
_chem_comp.type
_chem_comp.name
_chem_comp.formula
FMN non-polymer 'FLAVIN MONONUCLEOTIDE' 'C17 H21 N4 O9 P'
GOL non-polymer GLYCEROL 'C3 H8 O3'
OBR non-polymer (4R)-7-methyl-N-[4-(pentafluoro-lambda~6~-sulfanyl)phenyl]imidazo[1,2-a]pyrimidin-5-amine 'C13 H11 F5 N4 S'
ORO non-polymer 'OROTIC ACID' 'C5 H4 N2 O4'
#
# COMPACT_ATOMS: atom_id res chain seq x y z
N MET A 21 -38.77 0.01 -11.26
CA MET A 21 -40.20 -0.26 -10.96
C MET A 21 -40.65 -1.65 -11.44
N LEU A 22 -40.30 -2.02 -12.67
CA LEU A 22 -40.87 -3.24 -13.26
C LEU A 22 -40.58 -4.45 -12.38
N TYR A 23 -39.30 -4.65 -12.03
CA TYR A 23 -38.95 -5.80 -11.21
C TYR A 23 -39.69 -5.80 -9.88
N SER A 24 -39.67 -4.68 -9.16
CA SER A 24 -40.25 -4.69 -7.82
C SER A 24 -41.75 -4.95 -7.87
N LEU A 25 -42.41 -4.53 -8.96
CA LEU A 25 -43.84 -4.78 -9.09
C LEU A 25 -44.11 -6.25 -9.38
N ALA A 26 -43.24 -6.89 -10.17
CA ALA A 26 -43.39 -8.29 -10.54
C ALA A 26 -42.85 -9.23 -9.48
N ARG A 27 -42.11 -8.72 -8.49
CA ARG A 27 -41.39 -9.62 -7.60
C ARG A 27 -42.29 -10.53 -6.78
N PRO A 28 -43.42 -10.10 -6.24
CA PRO A 28 -44.27 -11.05 -5.49
C PRO A 28 -44.70 -12.25 -6.33
N MET A 29 -45.12 -12.02 -7.58
CA MET A 29 -45.42 -13.13 -8.48
C MET A 29 -44.20 -13.99 -8.72
N LEU A 30 -43.05 -13.38 -9.04
CA LEU A 30 -41.86 -14.15 -9.34
C LEU A 30 -41.38 -14.94 -8.13
N PHE A 31 -41.56 -14.39 -6.93
CA PHE A 31 -41.11 -15.12 -5.74
C PHE A 31 -42.01 -16.33 -5.47
N SER A 32 -43.17 -16.43 -6.10
CA SER A 32 -44.02 -17.61 -5.95
C SER A 32 -43.52 -18.77 -6.79
N LEU A 33 -42.56 -18.53 -7.67
CA LEU A 33 -41.98 -19.55 -8.53
C LEU A 33 -40.68 -20.07 -7.94
N ALA A 34 -40.31 -21.29 -8.37
CA ALA A 34 -39.06 -21.84 -7.90
C ALA A 34 -37.91 -20.91 -8.29
N PRO A 35 -36.87 -20.79 -7.45
CA PRO A 35 -35.86 -19.75 -7.66
C PRO A 35 -35.21 -19.77 -9.02
N GLU A 36 -34.71 -20.91 -9.50
CA GLU A 36 -34.01 -20.86 -10.76
C GLU A 36 -34.96 -20.53 -11.92
N ARG A 37 -36.19 -21.01 -11.84
CA ARG A 37 -37.17 -20.64 -12.87
C ARG A 37 -37.42 -19.14 -12.85
N ALA A 38 -37.56 -18.56 -11.66
CA ALA A 38 -37.77 -17.11 -11.54
C ALA A 38 -36.56 -16.35 -12.03
N HIS A 39 -35.38 -16.87 -11.75
CA HIS A 39 -34.14 -16.24 -12.19
C HIS A 39 -34.07 -16.15 -13.71
N GLU A 40 -34.32 -17.27 -14.39
CA GLU A 40 -34.27 -17.28 -15.84
C GLU A 40 -35.42 -16.44 -16.44
N LEU A 41 -36.61 -16.51 -15.85
CA LEU A 41 -37.72 -15.69 -16.34
C LEU A 41 -37.39 -14.22 -16.22
N THR A 42 -36.79 -13.81 -15.10
CA THR A 42 -36.47 -12.42 -14.90
C THR A 42 -35.47 -11.95 -15.96
N LEU A 43 -34.43 -12.74 -16.23
CA LEU A 43 -33.46 -12.32 -17.23
C LEU A 43 -34.11 -12.24 -18.61
N SER A 44 -35.00 -13.18 -18.93
CA SER A 44 -35.68 -13.17 -20.21
CA SER A 44 -35.66 -13.16 -20.23
C SER A 44 -36.55 -11.93 -20.35
N MET A 45 -37.26 -11.57 -19.28
CA MET A 45 -38.10 -10.38 -19.33
C MET A 45 -37.26 -9.11 -19.38
N LEU A 46 -36.12 -9.09 -18.70
CA LEU A 46 -35.18 -7.96 -18.80
C LEU A 46 -34.73 -7.77 -20.24
N ASP A 47 -34.36 -8.85 -20.92
CA ASP A 47 -33.94 -8.76 -22.31
C ASP A 47 -35.03 -8.14 -23.17
N LYS A 48 -36.26 -8.62 -23.00
CA LYS A 48 -37.35 -8.16 -23.86
C LYS A 48 -37.71 -6.71 -23.56
N ALA A 49 -37.76 -6.37 -22.27
CA ALA A 49 -38.04 -5.00 -21.88
C ALA A 49 -36.99 -4.05 -22.46
N HIS A 50 -35.70 -4.48 -22.42
CA HIS A 50 -34.64 -3.68 -23.01
C HIS A 50 -34.87 -3.47 -24.51
N LYS A 51 -35.22 -4.55 -25.24
CA LYS A 51 -35.46 -4.41 -26.67
C LYS A 51 -36.64 -3.51 -26.95
N LEU A 52 -37.60 -3.46 -26.03
CA LEU A 52 -38.78 -2.61 -26.16
C LEU A 52 -38.50 -1.16 -25.79
N GLY A 53 -37.27 -0.83 -25.38
CA GLY A 53 -36.94 0.53 -25.00
C GLY A 53 -37.17 0.84 -23.55
N MET A 54 -37.34 -0.17 -22.71
CA MET A 54 -37.66 -0.02 -21.30
C MET A 54 -36.47 -0.47 -20.47
N MET A 55 -36.59 -0.30 -19.15
CA MET A 55 -35.55 -0.73 -18.21
C MET A 55 -34.23 0.01 -18.43
N ARG A 56 -34.29 1.30 -18.78
CA ARG A 56 -33.09 2.14 -18.87
C ARG A 56 -33.01 3.00 -17.62
N GLN A 57 -31.90 2.89 -16.89
CA GLN A 57 -31.74 3.53 -15.59
C GLN A 57 -30.60 4.54 -15.64
N THR A 58 -30.89 5.78 -15.29
CA THR A 58 -29.86 6.80 -15.21
C THR A 58 -29.16 6.73 -13.84
N VAL A 59 -27.83 6.70 -13.86
CA VAL A 59 -27.00 6.61 -12.67
C VAL A 59 -25.96 7.71 -12.71
N GLU A 60 -25.59 8.20 -11.53
CA GLU A 60 -24.69 9.35 -11.41
C GLU A 60 -23.29 8.98 -11.96
N ALA A 61 -22.61 9.98 -12.47
CA ALA A 61 -21.21 9.84 -12.87
C ALA A 61 -20.33 9.84 -11.64
N LYS A 62 -19.49 8.83 -11.49
CA LYS A 62 -18.48 8.77 -10.43
C LYS A 62 -17.20 8.15 -10.99
N PRO A 63 -16.52 8.89 -11.86
CA PRO A 63 -15.35 8.31 -12.54
C PRO A 63 -14.31 7.83 -11.55
N THR A 64 -13.86 6.59 -11.77
CA THR A 64 -12.90 5.94 -10.90
C THR A 64 -11.86 5.26 -11.78
N THR A 65 -10.59 5.57 -11.58
CA THR A 65 -9.52 4.96 -12.36
C THR A 65 -8.89 3.86 -11.50
N CYS A 66 -8.81 2.65 -12.04
CA CYS A 66 -8.35 1.49 -11.31
C CYS A 66 -7.79 0.50 -12.32
N MET A 67 -6.62 -0.06 -12.03
CA MET A 67 -5.98 -1.05 -12.91
C MET A 67 -5.74 -0.49 -14.31
N GLY A 68 -5.55 0.81 -14.40
CA GLY A 68 -5.36 1.46 -15.68
C GLY A 68 -6.62 1.62 -16.50
N ILE A 69 -7.79 1.33 -15.92
CA ILE A 69 -9.08 1.36 -16.61
C ILE A 69 -9.87 2.53 -16.06
N GLU A 70 -10.50 3.30 -16.94
CA GLU A 70 -11.37 4.41 -16.51
C GLU A 70 -12.78 3.85 -16.36
N PHE A 71 -13.23 3.64 -15.10
CA PHE A 71 -14.59 3.19 -14.83
C PHE A 71 -15.52 4.40 -14.71
N PRO A 72 -16.66 4.39 -15.40
CA PRO A 72 -17.56 5.55 -15.29
C PRO A 72 -18.18 5.70 -13.92
N ASN A 73 -18.35 4.57 -13.23
CA ASN A 73 -18.71 4.57 -11.82
C ASN A 73 -18.16 3.27 -11.25
N PRO A 74 -18.10 3.15 -9.91
CA PRO A 74 -17.35 2.04 -9.30
C PRO A 74 -18.22 0.87 -8.92
N VAL A 75 -19.38 0.72 -9.53
CA VAL A 75 -20.34 -0.34 -9.18
C VAL A 75 -20.47 -1.31 -10.33
N GLY A 76 -20.06 -2.52 -10.11
CA GLY A 76 -20.09 -3.55 -11.10
C GLY A 76 -21.09 -4.65 -10.84
N LEU A 77 -21.39 -5.39 -11.89
CA LEU A 77 -22.13 -6.65 -11.78
C LEU A 77 -21.15 -7.77 -11.51
N ALA A 78 -21.36 -8.51 -10.43
CA ALA A 78 -20.53 -9.66 -10.11
C ALA A 78 -20.78 -10.80 -11.06
N ALA A 79 -19.74 -11.65 -11.21
CA ALA A 79 -19.90 -12.85 -12.00
C ALA A 79 -21.00 -13.76 -11.49
N GLY A 80 -21.56 -14.53 -12.42
CA GLY A 80 -22.51 -15.59 -12.10
C GLY A 80 -23.95 -15.28 -12.39
N LEU A 81 -24.28 -14.05 -12.74
CA LEU A 81 -25.63 -13.66 -13.10
C LEU A 81 -25.82 -13.87 -14.58
N ASP A 82 -24.87 -13.34 -15.38
CA ASP A 82 -24.82 -13.58 -16.82
C ASP A 82 -23.61 -14.47 -17.08
N LYS A 83 -23.80 -15.77 -16.90
CA LYS A 83 -22.67 -16.69 -17.03
C LYS A 83 -22.15 -16.77 -18.47
N ASN A 84 -23.01 -16.56 -19.47
CA ASN A 84 -22.68 -16.76 -20.86
C ASN A 84 -22.49 -15.47 -21.65
N GLY A 85 -22.66 -14.32 -21.01
CA GLY A 85 -22.64 -13.06 -21.72
C GLY A 85 -23.80 -12.89 -22.67
N ALA A 86 -24.95 -13.46 -22.33
CA ALA A 86 -26.14 -13.42 -23.19
C ALA A 86 -27.06 -12.26 -22.90
N HIS A 87 -26.81 -11.50 -21.83
CA HIS A 87 -27.69 -10.44 -21.37
C HIS A 87 -26.97 -9.13 -21.19
N ILE A 88 -25.85 -8.92 -21.89
CA ILE A 88 -24.96 -7.81 -21.57
C ILE A 88 -25.66 -6.47 -21.81
N ASP A 89 -26.32 -6.29 -22.96
CA ASP A 89 -26.85 -4.97 -23.28
C ASP A 89 -27.98 -4.62 -22.31
N ALA A 90 -28.84 -5.58 -22.00
CA ALA A 90 -29.92 -5.30 -21.06
C ALA A 90 -29.39 -4.98 -19.67
N LEU A 91 -28.39 -5.71 -19.20
CA LEU A 91 -27.80 -5.42 -17.90
C LEU A 91 -27.06 -4.10 -17.91
N ALA A 92 -26.36 -3.78 -19.00
CA ALA A 92 -25.69 -2.50 -19.07
C ALA A 92 -26.66 -1.35 -18.96
N GLY A 93 -27.89 -1.53 -19.48
CA GLY A 93 -28.88 -0.48 -19.39
C GLY A 93 -29.26 -0.13 -17.98
N LEU A 94 -28.96 -0.99 -17.01
CA LEU A 94 -29.18 -0.68 -15.61
C LEU A 94 -28.16 0.28 -15.02
N GLY A 95 -27.09 0.60 -15.75
CA GLY A 95 -26.20 1.67 -15.33
C GLY A 95 -24.93 1.24 -14.63
N PHE A 96 -24.64 -0.06 -14.56
CA PHE A 96 -23.38 -0.54 -14.01
C PHE A 96 -22.20 0.18 -14.65
N GLY A 97 -21.22 0.53 -13.82
CA GLY A 97 -19.94 1.01 -14.32
C GLY A 97 -19.15 -0.06 -15.03
N PHE A 98 -19.38 -1.33 -14.70
CA PHE A 98 -18.69 -2.44 -15.34
C PHE A 98 -19.54 -3.67 -15.15
N ILE A 99 -19.35 -4.65 -16.04
CA ILE A 99 -20.10 -5.90 -16.01
C ILE A 99 -19.13 -7.06 -16.08
N GLU A 100 -19.25 -8.02 -15.15
CA GLU A 100 -18.44 -9.24 -15.19
C GLU A 100 -19.32 -10.39 -15.63
N ILE A 101 -18.93 -11.07 -16.69
CA ILE A 101 -19.62 -12.23 -17.20
C ILE A 101 -18.82 -13.49 -16.87
N GLY A 102 -19.47 -14.63 -16.99
CA GLY A 102 -18.90 -15.89 -16.53
C GLY A 102 -19.46 -16.29 -15.19
N THR A 103 -18.86 -17.31 -14.55
CA THR A 103 -17.65 -18.04 -15.01
C THR A 103 -17.96 -18.89 -16.22
N ILE A 104 -17.06 -18.80 -17.19
CA ILE A 104 -17.12 -19.57 -18.44
C ILE A 104 -16.00 -20.60 -18.45
N THR A 105 -16.27 -21.75 -19.06
CA THR A 105 -15.28 -22.83 -19.18
C THR A 105 -15.01 -23.14 -20.64
N PRO A 106 -13.96 -23.92 -20.93
CA PRO A 106 -13.63 -24.12 -22.36
C PRO A 106 -14.75 -24.75 -23.15
N ARG A 107 -15.46 -25.71 -22.57
CA ARG A 107 -16.56 -26.43 -23.21
C ARG A 107 -17.84 -26.18 -22.41
N PRO A 108 -19.00 -26.29 -23.03
CA PRO A 108 -20.25 -26.22 -22.28
C PRO A 108 -20.30 -27.34 -21.25
N GLN A 109 -21.06 -27.07 -20.20
CA GLN A 109 -21.37 -28.10 -19.19
C GLN A 109 -22.65 -27.72 -18.49
N SER A 110 -23.36 -28.74 -18.00
CA SER A 110 -24.71 -28.64 -17.45
CA SER A 110 -24.70 -28.49 -17.50
C SER A 110 -24.76 -28.04 -16.05
N GLY A 111 -23.68 -28.14 -15.29
CA GLY A 111 -23.73 -27.83 -13.86
C GLY A 111 -24.34 -28.97 -13.06
N ASN A 112 -24.66 -28.67 -11.81
CA ASN A 112 -25.18 -29.68 -10.88
C ASN A 112 -26.65 -29.98 -11.14
N PRO A 113 -27.15 -31.13 -10.63
CA PRO A 113 -28.58 -31.41 -10.76
C PRO A 113 -29.45 -30.39 -10.03
N LYS A 114 -30.63 -30.20 -10.55
CA LYS A 114 -31.62 -29.34 -9.90
C LYS A 114 -32.40 -30.14 -8.85
N PRO A 115 -32.91 -29.47 -7.79
CA PRO A 115 -32.75 -28.04 -7.52
C PRO A 115 -31.37 -27.66 -7.00
N ARG A 116 -30.93 -26.45 -7.35
CA ARG A 116 -29.58 -26.03 -7.04
C ARG A 116 -29.47 -24.55 -6.68
N LEU A 117 -30.61 -23.87 -6.56
CA LEU A 117 -30.66 -22.45 -6.21
C LEU A 117 -31.82 -22.28 -5.25
N PHE A 118 -31.54 -21.65 -4.11
CA PHE A 118 -32.48 -21.55 -3.01
C PHE A 118 -32.53 -20.13 -2.52
N ARG A 119 -33.75 -19.64 -2.28
CA ARG A 119 -33.99 -18.30 -1.77
C ARG A 119 -34.35 -18.45 -0.30
N ILE A 120 -33.75 -17.60 0.53
CA ILE A 120 -34.00 -17.58 1.98
C ILE A 120 -34.43 -16.15 2.28
N PRO A 121 -35.70 -15.83 2.03
CA PRO A 121 -36.09 -14.41 2.00
C PRO A 121 -36.06 -13.74 3.34
N GLU A 122 -36.35 -14.43 4.44
CA GLU A 122 -36.33 -13.78 5.76
CA GLU A 122 -36.34 -13.75 5.74
C GLU A 122 -34.95 -13.27 6.12
N ALA A 123 -33.91 -13.84 5.55
CA ALA A 123 -32.55 -13.39 5.79
C ALA A 123 -31.98 -12.59 4.63
N LYS A 124 -32.78 -12.34 3.59
CA LYS A 124 -32.31 -11.68 2.36
C LYS A 124 -31.07 -12.39 1.82
N ALA A 125 -31.17 -13.72 1.75
CA ALA A 125 -30.04 -14.60 1.44
C ALA A 125 -30.37 -15.53 0.29
N ILE A 126 -29.32 -16.08 -0.31
CA ILE A 126 -29.42 -17.07 -1.36
C ILE A 126 -28.39 -18.16 -1.04
N ILE A 127 -28.72 -19.43 -1.32
CA ILE A 127 -27.72 -20.50 -1.38
C ILE A 127 -27.74 -21.06 -2.78
N ASN A 128 -26.55 -21.24 -3.37
CA ASN A 128 -26.47 -21.86 -4.68
C ASN A 128 -25.41 -22.95 -4.72
N ARG A 129 -25.71 -23.95 -5.50
CA ARG A 129 -24.71 -24.93 -5.95
C ARG A 129 -24.89 -25.13 -7.44
N MET A 130 -24.75 -24.03 -8.21
CA MET A 130 -25.06 -24.14 -9.63
C MET A 130 -24.14 -25.14 -10.32
N GLY A 131 -22.88 -25.15 -9.93
CA GLY A 131 -21.92 -26.06 -10.54
C GLY A 131 -21.33 -25.58 -11.83
N PHE A 132 -21.23 -24.27 -12.03
CA PHE A 132 -20.56 -23.72 -13.22
C PHE A 132 -21.25 -24.15 -14.51
N ASN A 133 -22.57 -24.09 -14.51
CA ASN A 133 -23.34 -24.28 -15.72
C ASN A 133 -22.99 -23.17 -16.70
N ASN A 134 -22.65 -23.51 -17.93
CA ASN A 134 -22.36 -22.47 -18.92
C ASN A 134 -22.32 -23.09 -20.30
N ASP A 135 -22.39 -22.20 -21.32
CA ASP A 135 -22.44 -22.61 -22.72
C ASP A 135 -21.06 -22.75 -23.37
N GLY A 136 -19.98 -22.50 -22.65
CA GLY A 136 -18.64 -22.64 -23.19
C GLY A 136 -18.13 -21.33 -23.77
N VAL A 137 -16.80 -21.25 -23.86
CA VAL A 137 -16.16 -19.98 -24.17
C VAL A 137 -16.42 -19.53 -25.61
N ASP A 138 -16.55 -20.46 -26.56
CA ASP A 138 -16.81 -20.04 -27.94
C ASP A 138 -18.15 -19.31 -28.02
N LYS A 139 -19.18 -19.82 -27.35
CA LYS A 139 -20.50 -19.22 -27.39
C LYS A 139 -20.51 -17.88 -26.68
N LEU A 140 -19.81 -17.80 -25.53
CA LEU A 140 -19.68 -16.51 -24.85
C LEU A 140 -19.07 -15.47 -25.79
N ILE A 141 -18.02 -15.83 -26.53
CA ILE A 141 -17.39 -14.88 -27.42
C ILE A 141 -18.34 -14.48 -28.53
N GLU A 142 -19.11 -15.43 -29.08
CA GLU A 142 -20.08 -15.03 -30.10
C GLU A 142 -21.11 -14.07 -29.51
N ASN A 143 -21.54 -14.32 -28.27
CA ASN A 143 -22.49 -13.44 -27.62
C ASN A 143 -21.91 -12.05 -27.42
N VAL A 144 -20.65 -11.96 -26.98
CA VAL A 144 -19.99 -10.68 -26.79
C VAL A 144 -19.90 -9.93 -28.14
N LYS A 145 -19.49 -10.62 -29.19
CA LYS A 145 -19.35 -9.99 -30.50
C LYS A 145 -20.66 -9.39 -30.97
N ALA A 146 -21.77 -10.05 -30.68
CA ALA A 146 -23.09 -9.62 -31.12
C ALA A 146 -23.69 -8.53 -30.25
N SER A 147 -23.15 -8.30 -29.07
CA SER A 147 -23.65 -7.26 -28.20
CA SER A 147 -23.67 -7.26 -28.20
C SER A 147 -23.19 -5.90 -28.67
N LYS A 148 -23.97 -4.87 -28.34
CA LYS A 148 -23.60 -3.50 -28.65
C LYS A 148 -22.70 -2.87 -27.59
N PHE A 149 -22.72 -3.40 -26.37
CA PHE A 149 -21.98 -2.81 -25.25
C PHE A 149 -20.51 -2.67 -25.60
N ARG A 150 -19.97 -1.48 -25.36
CA ARG A 150 -18.55 -1.21 -25.55
C ARG A 150 -17.85 -0.73 -24.30
N GLY A 151 -18.47 -0.88 -23.13
CA GLY A 151 -17.89 -0.43 -21.88
C GLY A 151 -17.00 -1.47 -21.26
N ILE A 152 -16.87 -1.41 -19.94
CA ILE A 152 -15.90 -2.24 -19.24
CA ILE A 152 -15.90 -2.23 -19.22
C ILE A 152 -16.51 -3.61 -18.99
N LEU A 153 -15.93 -4.62 -19.62
CA LEU A 153 -16.39 -5.99 -19.57
C LEU A 153 -15.33 -6.87 -18.92
N GLY A 154 -15.63 -7.39 -17.73
CA GLY A 154 -14.79 -8.40 -17.11
C GLY A 154 -15.27 -9.78 -17.56
N ILE A 155 -14.29 -10.68 -17.75
CA ILE A 155 -14.61 -12.05 -18.14
C ILE A 155 -13.98 -13.00 -17.14
N ASN A 156 -14.80 -13.78 -16.45
CA ASN A 156 -14.38 -14.68 -15.39
C ASN A 156 -14.25 -16.08 -15.97
N ILE A 157 -13.03 -16.65 -15.92
CA ILE A 157 -12.68 -17.87 -16.63
C ILE A 157 -12.39 -19.01 -15.65
N GLY A 158 -12.79 -20.20 -16.06
CA GLY A 158 -12.63 -21.37 -15.23
C GLY A 158 -12.34 -22.64 -15.97
N LYS A 159 -12.42 -23.77 -15.28
CA LYS A 159 -12.10 -25.09 -15.81
C LYS A 159 -13.34 -25.94 -15.88
N ASN A 160 -13.37 -26.86 -16.85
CA ASN A 160 -14.47 -27.79 -16.93
C ASN A 160 -14.36 -28.84 -15.82
N ALA A 161 -15.53 -29.24 -15.34
CA ALA A 161 -15.58 -30.25 -14.27
C ALA A 161 -14.98 -31.57 -14.68
N ASP A 162 -15.03 -31.92 -15.97
CA ASP A 162 -14.55 -33.21 -16.45
C ASP A 162 -13.07 -33.19 -16.86
N THR A 163 -12.39 -32.08 -16.63
CA THR A 163 -10.95 -32.02 -16.96
C THR A 163 -10.12 -32.67 -15.84
N PRO A 164 -9.20 -33.57 -16.18
CA PRO A 164 -8.31 -34.15 -15.17
C PRO A 164 -7.57 -33.08 -14.39
N VAL A 165 -7.28 -33.34 -13.13
CA VAL A 165 -6.62 -32.37 -12.25
C VAL A 165 -5.31 -31.90 -12.87
N GLU A 166 -4.53 -32.82 -13.42
CA GLU A 166 -3.22 -32.51 -13.97
C GLU A 166 -3.29 -31.65 -15.22
N LYS A 167 -4.47 -31.51 -15.83
CA LYS A 167 -4.67 -30.73 -17.03
C LYS A 167 -5.51 -29.48 -16.79
N ALA A 168 -5.83 -29.20 -15.52
CA ALA A 168 -6.69 -28.07 -15.19
C ALA A 168 -6.09 -26.75 -15.63
N VAL A 169 -4.77 -26.56 -15.43
CA VAL A 169 -4.16 -25.28 -15.81
C VAL A 169 -4.46 -24.96 -17.26
N ASP A 170 -4.44 -25.98 -18.13
CA ASP A 170 -4.62 -25.74 -19.54
C ASP A 170 -6.04 -25.30 -19.89
N ASP A 171 -7.05 -25.59 -19.05
CA ASP A 171 -8.37 -25.06 -19.31
C ASP A 171 -8.38 -23.56 -19.09
N TYR A 172 -7.74 -23.10 -18.01
CA TYR A 172 -7.64 -21.64 -17.82
C TYR A 172 -6.87 -20.99 -18.98
N LEU A 173 -5.85 -21.66 -19.47
CA LEU A 173 -5.07 -21.08 -20.58
C LEU A 173 -5.92 -20.96 -21.84
N ILE A 174 -6.70 -21.98 -22.18
CA ILE A 174 -7.59 -21.92 -23.33
C ILE A 174 -8.52 -20.73 -23.22
N CYS A 175 -9.15 -20.57 -22.07
CA CYS A 175 -10.07 -19.46 -21.92
C CYS A 175 -9.35 -18.14 -21.98
N LEU A 176 -8.19 -18.04 -21.31
CA LEU A 176 -7.40 -16.80 -21.34
C LEU A 176 -7.12 -16.37 -22.77
N GLU A 177 -6.60 -17.29 -23.60
CA GLU A 177 -6.26 -16.92 -24.98
C GLU A 177 -7.50 -16.54 -25.75
N LYS A 178 -8.58 -17.28 -25.57
CA LYS A 178 -9.78 -17.06 -26.38
C LYS A 178 -10.50 -15.77 -26.03
N VAL A 179 -10.43 -15.33 -24.79
CA VAL A 179 -11.15 -14.10 -24.39
C VAL A 179 -10.25 -12.86 -24.35
N TYR A 180 -8.94 -13.02 -24.49
CA TYR A 180 -8.01 -11.91 -24.25
C TYR A 180 -8.40 -10.65 -25.04
N ASN A 181 -8.65 -10.80 -26.33
CA ASN A 181 -8.93 -9.66 -27.21
C ASN A 181 -10.34 -9.10 -27.05
N TYR A 182 -11.15 -9.63 -26.13
CA TYR A 182 -12.54 -9.20 -25.91
C TYR A 182 -12.75 -8.68 -24.52
N ALA A 183 -11.85 -8.89 -23.58
CA ALA A 183 -12.07 -8.54 -22.20
C ALA A 183 -11.40 -7.22 -21.85
N SER A 184 -12.05 -6.46 -20.97
CA SER A 184 -11.39 -5.31 -20.34
C SER A 184 -10.47 -5.77 -19.21
N TYR A 185 -10.90 -6.81 -18.47
CA TYR A 185 -10.07 -7.45 -17.45
C TYR A 185 -10.58 -8.89 -17.36
N ILE A 186 -9.73 -9.77 -16.83
CA ILE A 186 -10.06 -11.19 -16.69
C ILE A 186 -9.95 -11.55 -15.22
N THR A 187 -10.96 -12.31 -14.72
CA THR A 187 -10.97 -12.81 -13.35
C THR A 187 -10.76 -14.32 -13.35
N VAL A 188 -9.92 -14.78 -12.42
CA VAL A 188 -9.73 -16.19 -12.10
C VAL A 188 -10.06 -16.38 -10.62
N ASN A 189 -10.95 -17.32 -10.32
CA ASN A 189 -11.27 -17.63 -8.94
C ASN A 189 -10.25 -18.61 -8.40
N ILE A 190 -9.84 -18.40 -7.17
CA ILE A 190 -8.87 -19.32 -6.58
C ILE A 190 -9.46 -20.01 -5.38
N SER A 191 -8.98 -21.24 -5.14
CA SER A 191 -9.38 -22.06 -4.01
C SER A 191 -8.46 -21.80 -2.82
N SER A 192 -8.96 -22.09 -1.63
CA SER A 192 -8.20 -21.90 -0.39
C SER A 192 -6.77 -22.44 -0.49
N SER A 203 -2.10 -27.40 -1.87
CA SER A 203 -3.08 -26.42 -2.31
C SER A 203 -2.36 -25.11 -2.62
N GLY A 204 -1.41 -24.75 -1.76
CA GLY A 204 -0.62 -23.56 -2.03
C GLY A 204 0.27 -23.74 -3.24
N ASP A 205 0.84 -24.94 -3.40
CA ASP A 205 1.64 -25.24 -4.60
C ASP A 205 0.81 -25.09 -5.86
N ALA A 206 -0.43 -25.54 -5.83
CA ALA A 206 -1.29 -25.46 -7.01
C ALA A 206 -1.57 -24.01 -7.39
N LEU A 207 -1.86 -23.16 -6.41
CA LEU A 207 -2.08 -21.75 -6.70
C LEU A 207 -0.84 -21.13 -7.35
N THR A 208 0.32 -21.35 -6.75
CA THR A 208 1.54 -20.75 -7.29
C THR A 208 1.79 -21.20 -8.72
N GLU A 209 1.62 -22.49 -9.01
CA GLU A 209 1.85 -22.98 -10.36
C GLU A 209 0.88 -22.37 -11.35
N LEU A 210 -0.40 -22.27 -10.95
CA LEU A 210 -1.40 -21.69 -11.83
C LEU A 210 -1.04 -20.25 -12.15
N LEU A 211 -0.71 -19.46 -11.12
CA LEU A 211 -0.43 -18.03 -11.33
C LEU A 211 0.82 -17.84 -12.18
N GLN A 212 1.85 -18.64 -11.95
CA GLN A 212 3.05 -18.55 -12.77
C GLN A 212 2.71 -18.76 -14.24
N THR A 213 1.94 -19.81 -14.54
CA THR A 213 1.58 -20.10 -15.92
C THR A 213 0.66 -19.03 -16.53
N LEU A 214 -0.38 -18.62 -15.79
CA LEU A 214 -1.31 -17.64 -16.35
C LEU A 214 -0.66 -16.28 -16.52
N LYS A 215 0.18 -15.87 -15.58
CA LYS A 215 0.82 -14.57 -15.70
C LYS A 215 1.78 -14.58 -16.88
N ALA A 216 2.57 -15.64 -17.04
CA ALA A 216 3.48 -15.70 -18.18
C ALA A 216 2.71 -15.65 -19.49
N ARG A 217 1.60 -16.37 -19.58
CA ARG A 217 0.81 -16.35 -20.81
C ARG A 217 0.18 -14.99 -21.05
N GLN A 218 -0.37 -14.37 -20.00
CA GLN A 218 -0.95 -13.04 -20.15
C GLN A 218 0.05 -12.09 -20.76
N LEU A 219 1.30 -12.13 -20.29
CA LEU A 219 2.32 -11.22 -20.81
C LEU A 219 2.63 -11.50 -22.28
N GLU A 220 2.59 -12.79 -22.68
CA GLU A 220 2.78 -13.12 -24.09
C GLU A 220 1.64 -12.58 -24.95
N LEU A 221 0.39 -12.75 -24.46
CA LEU A 221 -0.76 -12.28 -25.22
C LEU A 221 -0.75 -10.75 -25.32
N ALA A 222 -0.32 -10.06 -24.27
CA ALA A 222 -0.28 -8.60 -24.31
C ALA A 222 0.64 -8.14 -25.44
N GLU A 223 1.74 -8.86 -25.66
CA GLU A 223 2.62 -8.51 -26.77
C GLU A 223 1.97 -8.82 -28.10
N GLN A 224 1.40 -10.01 -28.22
CA GLN A 224 0.76 -10.45 -29.46
CA GLN A 224 0.78 -10.41 -29.47
C GLN A 224 -0.37 -9.50 -29.87
N TYR A 225 -1.16 -9.02 -28.91
CA TYR A 225 -2.32 -8.18 -29.22
C TYR A 225 -2.07 -6.69 -29.02
N ASN A 226 -0.87 -6.32 -28.62
CA ASN A 226 -0.51 -4.92 -28.43
C ASN A 226 -1.40 -4.20 -27.44
N HIS A 227 -1.82 -4.90 -26.38
CA HIS A 227 -2.51 -4.21 -25.29
C HIS A 227 -2.55 -5.10 -24.05
N TYR A 228 -2.61 -4.46 -22.89
CA TYR A 228 -2.56 -5.12 -21.60
C TYR A 228 -3.97 -5.28 -21.05
N VAL A 229 -4.36 -6.50 -20.73
CA VAL A 229 -5.62 -6.85 -20.11
C VAL A 229 -5.34 -7.26 -18.67
N PRO A 230 -5.76 -6.49 -17.65
CA PRO A 230 -5.47 -6.85 -16.26
C PRO A 230 -6.04 -8.18 -15.85
N LEU A 231 -5.28 -8.87 -14.97
CA LEU A 231 -5.67 -10.14 -14.38
C LEU A 231 -6.03 -9.91 -12.93
N VAL A 232 -7.24 -10.36 -12.56
CA VAL A 232 -7.82 -10.20 -11.23
C VAL A 232 -8.06 -11.58 -10.65
N LEU A 233 -7.72 -11.78 -9.38
CA LEU A 233 -8.05 -13.02 -8.69
CA LEU A 233 -8.06 -13.02 -8.69
C LEU A 233 -9.25 -12.77 -7.77
N LYS A 234 -10.02 -13.83 -7.51
CA LYS A 234 -11.22 -13.74 -6.67
C LYS A 234 -11.16 -14.86 -5.64
N VAL A 235 -11.38 -14.49 -4.37
CA VAL A 235 -11.28 -15.46 -3.26
C VAL A 235 -12.62 -15.59 -2.56
N ALA A 236 -12.78 -16.73 -1.88
CA ALA A 236 -13.86 -16.93 -0.94
C ALA A 236 -13.52 -16.28 0.41
N PRO A 237 -14.52 -16.10 1.27
CA PRO A 237 -14.29 -15.42 2.55
C PRO A 237 -13.86 -16.33 3.68
N ASP A 238 -13.82 -17.63 3.41
CA ASP A 238 -13.58 -18.64 4.46
C ASP A 238 -12.09 -18.93 4.51
N LEU A 239 -11.35 -17.94 5.00
CA LEU A 239 -9.89 -17.96 4.96
C LEU A 239 -9.34 -17.73 6.35
N THR A 240 -8.23 -18.41 6.65
CA THR A 240 -7.49 -18.16 7.89
C THR A 240 -6.55 -16.97 7.69
N ALA A 241 -6.03 -16.46 8.81
CA ALA A 241 -5.02 -15.40 8.72
C ALA A 241 -3.83 -15.86 7.88
N GLU A 242 -3.41 -17.12 8.06
CA GLU A 242 -2.30 -17.65 7.27
C GLU A 242 -2.67 -17.69 5.78
N ASP A 243 -3.93 -18.02 5.47
CA ASP A 243 -4.39 -17.99 4.09
C ASP A 243 -4.26 -16.59 3.49
N VAL A 244 -4.73 -15.58 4.23
CA VAL A 244 -4.70 -14.21 3.71
C VAL A 244 -3.26 -13.76 3.47
N GLU A 245 -2.36 -14.10 4.39
CA GLU A 245 -0.94 -13.77 4.25
C GLU A 245 -0.35 -14.44 3.02
N PHE A 246 -0.64 -15.73 2.85
CA PHE A 246 -0.09 -16.46 1.70
C PHE A 246 -0.62 -15.89 0.40
N ILE A 247 -1.94 -15.69 0.30
CA ILE A 247 -2.52 -15.17 -0.93
C ILE A 247 -1.97 -13.78 -1.23
N SER A 248 -1.87 -12.94 -0.20
CA SER A 248 -1.31 -11.59 -0.39
C SER A 248 0.10 -11.65 -0.96
N ALA A 249 0.93 -12.57 -0.46
CA ALA A 249 2.28 -12.71 -0.97
C ALA A 249 2.27 -13.11 -2.44
N GLN A 250 1.38 -14.03 -2.82
CA GLN A 250 1.27 -14.45 -4.20
C GLN A 250 0.83 -13.30 -5.11
N LEU A 251 -0.18 -12.54 -4.69
CA LEU A 251 -0.63 -11.42 -5.50
C LEU A 251 0.52 -10.47 -5.80
N LEU A 252 1.34 -10.20 -4.79
CA LEU A 252 2.46 -9.28 -4.97
C LEU A 252 3.56 -9.90 -5.80
N ASP A 253 3.86 -11.18 -5.57
CA ASP A 253 4.99 -11.79 -6.28
C ASP A 253 4.71 -11.88 -7.77
N PHE A 254 3.47 -12.16 -8.14
CA PHE A 254 3.07 -12.30 -9.54
C PHE A 254 2.50 -11.02 -10.13
N LYS A 255 2.47 -9.93 -9.37
CA LYS A 255 2.03 -8.64 -9.88
C LYS A 255 0.62 -8.72 -10.43
N ILE A 256 -0.25 -9.39 -9.68
CA ILE A 256 -1.66 -9.46 -10.03
C ILE A 256 -2.28 -8.07 -9.92
N ASP A 257 -3.22 -7.76 -10.82
CA ASP A 257 -3.68 -6.39 -10.97
C ASP A 257 -4.82 -5.99 -10.03
N GLY A 258 -5.56 -6.97 -9.48
CA GLY A 258 -6.64 -6.65 -8.56
C GLY A 258 -7.11 -7.91 -7.86
N LEU A 259 -7.87 -7.71 -6.78
CA LEU A 259 -8.39 -8.82 -5.98
C LEU A 259 -9.86 -8.55 -5.69
N ILE A 260 -10.71 -9.52 -6.01
CA ILE A 260 -12.13 -9.48 -5.65
C ILE A 260 -12.31 -10.26 -4.35
N VAL A 261 -12.91 -9.59 -3.37
CA VAL A 261 -13.18 -10.12 -2.04
C VAL A 261 -14.64 -9.78 -1.76
N THR A 262 -15.55 -10.77 -1.85
CA THR A 262 -15.32 -12.19 -1.95
C THR A 262 -16.43 -12.91 -2.73
N ASN A 263 -16.18 -14.20 -2.97
CA ASN A 263 -17.20 -15.15 -3.43
C ASN A 263 -18.13 -15.51 -2.25
N THR A 264 -18.97 -16.52 -2.46
CA THR A 264 -19.90 -16.98 -1.44
C THR A 264 -19.19 -17.73 -0.32
N THR A 265 -19.91 -17.87 0.81
CA THR A 265 -19.41 -18.58 1.99
C THR A 265 -20.02 -19.97 2.18
N LEU A 266 -19.21 -20.86 2.74
CA LEU A 266 -19.68 -22.16 3.21
C LEU A 266 -20.39 -22.07 4.55
N SER A 267 -20.32 -20.93 5.24
CA SER A 267 -21.00 -20.76 6.50
C SER A 267 -22.52 -20.75 6.30
N ARG A 268 -23.24 -21.19 7.32
CA ARG A 268 -24.69 -21.06 7.38
CA ARG A 268 -24.69 -21.04 7.38
C ARG A 268 -25.13 -20.11 8.48
N GLU A 269 -24.21 -19.36 9.08
CA GLU A 269 -24.59 -18.40 10.10
C GLU A 269 -25.58 -17.39 9.54
N GLY A 270 -26.72 -17.26 10.21
CA GLY A 270 -27.78 -16.36 9.80
C GLY A 270 -28.94 -17.03 9.09
N VAL A 271 -28.81 -18.31 8.74
CA VAL A 271 -29.91 -19.02 8.06
C VAL A 271 -30.21 -20.39 8.67
N GLU A 272 -29.59 -20.71 9.81
CA GLU A 272 -29.72 -22.06 10.36
C GLU A 272 -31.15 -22.41 10.74
N ASN A 273 -32.00 -21.42 11.01
CA ASN A 273 -33.36 -21.69 11.47
C ASN A 273 -34.41 -21.29 10.43
N LEU A 274 -34.01 -21.20 9.17
CA LEU A 274 -34.92 -20.88 8.10
C LEU A 274 -34.93 -21.97 7.05
N PRO A 275 -36.02 -22.11 6.31
CA PRO A 275 -36.06 -23.11 5.23
C PRO A 275 -34.89 -22.92 4.27
N TYR A 276 -34.33 -24.03 3.82
CA TYR A 276 -33.23 -24.16 2.89
C TYR A 276 -31.90 -23.77 3.52
N GLY A 277 -31.88 -23.44 4.80
CA GLY A 277 -30.67 -22.98 5.46
C GLY A 277 -29.64 -24.06 5.71
N ASN A 278 -29.96 -25.32 5.41
CA ASN A 278 -29.02 -26.43 5.49
C ASN A 278 -28.68 -26.99 4.14
N GLU A 279 -29.05 -26.31 3.06
CA GLU A 279 -28.68 -26.76 1.73
C GLU A 279 -27.19 -26.57 1.50
N SER A 280 -26.58 -27.54 0.79
CA SER A 280 -25.17 -27.42 0.44
CA SER A 280 -25.17 -27.41 0.45
CA SER A 280 -25.18 -27.44 0.42
C SER A 280 -24.97 -26.39 -0.67
N GLY A 281 -23.87 -25.70 -0.61
CA GLY A 281 -23.48 -24.73 -1.61
C GLY A 281 -22.94 -23.47 -0.96
N GLY A 282 -22.98 -22.36 -1.72
CA GLY A 282 -22.43 -21.10 -1.26
C GLY A 282 -23.57 -20.16 -0.88
N LEU A 283 -23.40 -19.49 0.26
CA LEU A 283 -24.38 -18.54 0.80
C LEU A 283 -23.97 -17.13 0.41
N SER A 284 -24.93 -16.35 -0.09
CA SER A 284 -24.75 -14.96 -0.47
C SER A 284 -25.91 -14.13 0.06
N GLY A 285 -25.86 -12.84 -0.28
CA GLY A 285 -26.82 -11.89 0.32
C GLY A 285 -26.43 -11.46 1.72
N ALA A 286 -27.43 -10.98 2.47
CA ALA A 286 -27.13 -10.30 3.71
C ALA A 286 -26.21 -11.08 4.65
N PRO A 287 -26.39 -12.40 4.84
CA PRO A 287 -25.56 -13.09 5.83
C PRO A 287 -24.07 -13.17 5.47
N VAL A 288 -23.66 -12.81 4.25
CA VAL A 288 -22.25 -12.82 3.92
C VAL A 288 -21.63 -11.42 3.99
N PHE A 289 -22.42 -10.40 4.32
CA PHE A 289 -21.87 -9.05 4.33
C PHE A 289 -20.73 -8.90 5.32
N GLU A 290 -20.94 -9.32 6.58
CA GLU A 290 -19.92 -9.07 7.60
C GLU A 290 -18.65 -9.86 7.31
N LYS A 291 -18.77 -11.15 6.97
CA LYS A 291 -17.59 -11.97 6.72
C LYS A 291 -16.81 -11.47 5.50
N SER A 292 -17.51 -11.17 4.41
CA SER A 292 -16.83 -10.71 3.20
C SER A 292 -16.18 -9.36 3.46
N THR A 293 -16.83 -8.48 4.23
CA THR A 293 -16.26 -7.16 4.47
C THR A 293 -15.04 -7.26 5.38
N GLU A 294 -15.07 -8.15 6.38
CA GLU A 294 -13.90 -8.35 7.22
C GLU A 294 -12.74 -8.95 6.43
N CYS A 295 -13.03 -9.85 5.50
CA CYS A 295 -11.99 -10.40 4.65
C CYS A 295 -11.34 -9.29 3.84
N LEU A 296 -12.17 -8.42 3.27
CA LEU A 296 -11.67 -7.23 2.59
C LEU A 296 -10.76 -6.41 3.50
N ARG A 297 -11.20 -6.16 4.74
CA ARG A 297 -10.39 -5.40 5.67
C ARG A 297 -9.04 -6.06 5.91
N LEU A 298 -9.01 -7.38 6.05
CA LEU A 298 -7.74 -8.07 6.31
C LEU A 298 -6.79 -7.94 5.11
N PHE A 299 -7.30 -8.15 3.90
CA PHE A 299 -6.44 -7.99 2.72
C PHE A 299 -6.00 -6.54 2.55
N ALA A 300 -6.87 -5.59 2.88
CA ALA A 300 -6.48 -4.18 2.76
C ALA A 300 -5.32 -3.86 3.67
N GLN A 301 -5.34 -4.43 4.88
CA GLN A 301 -4.26 -4.19 5.84
C GLN A 301 -2.96 -4.81 5.36
N THR A 302 -3.04 -5.97 4.72
CA THR A 302 -1.84 -6.67 4.26
C THR A 302 -1.27 -6.02 3.01
N LEU A 303 -2.12 -5.65 2.06
CA LEU A 303 -1.65 -5.18 0.77
C LEU A 303 -1.23 -3.71 0.78
N LYS A 304 -1.70 -2.92 1.77
CA LYS A 304 -1.21 -1.57 2.00
C LYS A 304 -1.22 -0.73 0.73
N GLY A 305 -2.34 -0.78 0.01
CA GLY A 305 -2.57 0.05 -1.14
C GLY A 305 -1.92 -0.41 -2.42
N GLN A 306 -1.23 -1.55 -2.43
CA GLN A 306 -0.45 -1.94 -3.60
C GLN A 306 -1.28 -2.64 -4.67
N ILE A 307 -2.42 -3.21 -4.30
CA ILE A 307 -3.25 -3.94 -5.25
C ILE A 307 -4.69 -3.53 -5.02
N PRO A 308 -5.37 -3.00 -6.04
CA PRO A 308 -6.77 -2.56 -5.86
C PRO A 308 -7.68 -3.71 -5.43
N LEU A 309 -8.63 -3.37 -4.56
CA LEU A 309 -9.57 -4.34 -4.01
C LEU A 309 -10.98 -4.04 -4.51
N ILE A 310 -11.69 -5.08 -4.89
CA ILE A 310 -13.06 -5.00 -5.38
C ILE A 310 -13.93 -5.70 -4.35
N GLY A 311 -14.79 -4.94 -3.66
CA GLY A 311 -15.57 -5.45 -2.54
C GLY A 311 -16.91 -6.00 -2.99
N VAL A 312 -17.17 -7.28 -2.63
CA VAL A 312 -18.35 -8.00 -3.06
C VAL A 312 -18.81 -8.84 -1.88
N GLY A 313 -20.12 -8.89 -1.68
CA GLY A 313 -20.74 -9.78 -0.69
C GLY A 313 -21.73 -9.06 0.19
N GLY A 314 -23.02 -9.39 -0.01
CA GLY A 314 -24.06 -8.88 0.85
C GLY A 314 -24.39 -7.41 0.68
N ILE A 315 -24.09 -6.81 -0.45
CA ILE A 315 -24.51 -5.44 -0.69
C ILE A 315 -26.00 -5.47 -1.05
N LEU A 316 -26.86 -5.04 -0.10
CA LEU A 316 -28.28 -4.91 -0.32
CA LEU A 316 -28.29 -4.91 -0.33
C LEU A 316 -28.77 -3.46 -0.36
N SER A 317 -27.92 -2.51 -0.01
CA SER A 317 -28.24 -1.10 0.02
C SER A 317 -27.00 -0.29 -0.27
N GLY A 318 -27.18 0.98 -0.63
CA GLY A 318 -26.01 1.81 -0.92
C GLY A 318 -25.09 1.93 0.28
N GLU A 319 -25.65 1.92 1.48
CA GLU A 319 -24.83 2.05 2.67
CA GLU A 319 -24.83 2.05 2.68
C GLU A 319 -23.79 0.94 2.75
N GLN A 320 -24.14 -0.26 2.30
CA GLN A 320 -23.19 -1.36 2.33
C GLN A 320 -22.09 -1.18 1.29
N ALA A 321 -22.41 -0.58 0.14
CA ALA A 321 -21.37 -0.29 -0.84
C ALA A 321 -20.38 0.73 -0.29
N ALA A 322 -20.88 1.76 0.38
CA ALA A 322 -19.99 2.72 1.02
C ALA A 322 -19.12 2.06 2.08
N ALA A 323 -19.69 1.10 2.82
CA ALA A 323 -18.93 0.42 3.86
C ALA A 323 -17.77 -0.39 3.27
N LYS A 324 -17.96 -0.99 2.09
CA LYS A 324 -16.86 -1.69 1.43
C LYS A 324 -15.74 -0.71 1.10
N GLN A 325 -16.10 0.46 0.57
CA GLN A 325 -15.13 1.48 0.22
C GLN A 325 -14.36 1.94 1.44
N GLN A 326 -15.05 2.13 2.57
CA GLN A 326 -14.38 2.52 3.80
C GLN A 326 -13.46 1.42 4.32
N ALA A 327 -13.77 0.15 4.05
CA ALA A 327 -12.93 -0.95 4.46
C ALA A 327 -11.76 -1.18 3.50
N GLY A 328 -11.67 -0.42 2.42
CA GLY A 328 -10.50 -0.49 1.57
C GLY A 328 -10.75 -0.76 0.10
N ALA A 329 -12.01 -0.95 -0.30
CA ALA A 329 -12.32 -1.27 -1.69
C ALA A 329 -12.32 -0.02 -2.56
N THR A 330 -11.80 -0.16 -3.79
CA THR A 330 -11.89 0.90 -4.79
C THR A 330 -13.15 0.73 -5.64
N LEU A 331 -13.53 -0.51 -5.93
CA LEU A 331 -14.71 -0.84 -6.69
C LEU A 331 -15.55 -1.79 -5.86
N VAL A 332 -16.83 -1.95 -6.22
CA VAL A 332 -17.67 -3.00 -5.64
C VAL A 332 -18.37 -3.75 -6.76
N GLN A 333 -18.89 -4.94 -6.42
CA GLN A 333 -19.80 -5.61 -7.32
C GLN A 333 -21.01 -6.09 -6.52
N ILE A 334 -22.13 -6.19 -7.23
CA ILE A 334 -23.41 -6.62 -6.64
C ILE A 334 -23.95 -7.81 -7.41
N TYR A 335 -24.79 -8.60 -6.73
CA TYR A 335 -25.51 -9.73 -7.34
C TYR A 335 -26.77 -9.97 -6.52
N SER A 336 -26.63 -10.60 -5.33
CA SER A 336 -27.83 -11.05 -4.62
C SER A 336 -28.75 -9.90 -4.24
N GLY A 337 -28.21 -8.69 -4.06
CA GLY A 337 -29.08 -7.56 -3.75
C GLY A 337 -30.01 -7.19 -4.88
N LEU A 338 -29.67 -7.55 -6.11
CA LEU A 338 -30.61 -7.36 -7.20
C LEU A 338 -31.83 -8.23 -7.08
N ILE A 339 -31.73 -9.38 -6.38
CA ILE A 339 -32.88 -10.25 -6.24
C ILE A 339 -33.87 -9.68 -5.25
N TYR A 340 -33.37 -8.98 -4.23
CA TYR A 340 -34.22 -8.46 -3.16
C TYR A 340 -34.53 -6.99 -3.40
N THR A 341 -33.51 -6.16 -3.46
CA THR A 341 -33.73 -4.73 -3.64
C THR A 341 -34.12 -4.40 -5.07
N GLY A 342 -33.53 -5.11 -6.02
CA GLY A 342 -33.88 -4.94 -7.41
C GLY A 342 -32.90 -4.02 -8.11
N PRO A 343 -33.18 -3.77 -9.39
CA PRO A 343 -32.25 -2.98 -10.21
C PRO A 343 -31.94 -1.59 -9.69
N THR A 344 -32.80 -0.93 -8.93
CA THR A 344 -32.44 0.39 -8.44
C THR A 344 -31.26 0.34 -7.48
N LEU A 345 -30.84 -0.85 -7.03
CA LEU A 345 -29.66 -0.93 -6.18
C LEU A 345 -28.42 -0.36 -6.88
N VAL A 346 -28.32 -0.47 -8.21
CA VAL A 346 -27.16 0.13 -8.91
C VAL A 346 -27.09 1.62 -8.63
N LYS A 347 -28.22 2.32 -8.80
CA LYS A 347 -28.28 3.76 -8.61
C LYS A 347 -28.00 4.12 -7.16
N GLN A 348 -28.56 3.34 -6.22
CA GLN A 348 -28.31 3.61 -4.82
C GLN A 348 -26.84 3.48 -4.45
N CYS A 349 -26.14 2.49 -5.00
CA CYS A 349 -24.75 2.26 -4.60
C CYS A 349 -23.85 3.38 -5.13
N VAL A 350 -24.09 3.81 -6.34
CA VAL A 350 -23.28 4.90 -6.86
C VAL A 350 -23.50 6.16 -6.05
N GLU A 351 -24.77 6.47 -5.72
CA GLU A 351 -25.05 7.68 -4.93
C GLU A 351 -24.31 7.63 -3.60
N ALA A 352 -24.27 6.46 -2.97
CA ALA A 352 -23.81 6.37 -1.59
C ALA A 352 -22.28 6.41 -1.50
N MET A 353 -21.58 5.93 -2.51
CA MET A 353 -20.14 5.84 -2.43
C MET A 353 -19.54 7.24 -2.55
N THR A 354 -18.45 7.46 -1.82
CA THR A 354 -17.79 8.78 -1.78
C THR A 354 -16.90 8.96 -2.98
N VAL B 15 22.30 -5.61 -17.13
CA VAL B 15 22.83 -6.25 -15.89
C VAL B 15 22.80 -5.21 -14.75
N PRO B 16 23.05 -5.63 -13.51
CA PRO B 16 22.97 -4.69 -12.39
C PRO B 16 23.95 -3.54 -12.58
N ARG B 17 23.48 -2.32 -12.35
CA ARG B 17 24.29 -1.13 -12.52
C ARG B 17 24.36 -0.36 -11.21
N GLY B 18 25.34 0.55 -11.14
CA GLY B 18 25.54 1.30 -9.92
C GLY B 18 24.39 2.24 -9.63
N SER B 19 24.11 2.41 -8.34
CA SER B 19 23.08 3.36 -7.91
C SER B 19 23.40 4.77 -8.37
N HIS B 20 24.68 5.13 -8.37
CA HIS B 20 25.04 6.47 -8.78
C HIS B 20 24.80 6.68 -10.28
N MET B 21 25.05 5.65 -11.09
CA MET B 21 24.76 5.76 -12.52
C MET B 21 23.29 6.03 -12.76
N LEU B 22 22.43 5.28 -12.06
CA LEU B 22 20.99 5.42 -12.26
C LEU B 22 20.52 6.81 -11.86
N TYR B 23 20.94 7.29 -10.68
CA TYR B 23 20.61 8.65 -10.30
C TYR B 23 21.12 9.65 -11.34
N SER B 24 22.36 9.46 -11.81
CA SER B 24 22.93 10.39 -12.77
C SER B 24 22.13 10.41 -14.07
N LEU B 25 21.58 9.27 -14.48
CA LEU B 25 20.81 9.22 -15.72
C LEU B 25 19.48 9.94 -15.53
N ALA B 26 18.87 9.80 -14.36
CA ALA B 26 17.57 10.40 -14.11
C ALA B 26 17.64 11.87 -13.69
N ARG B 27 18.80 12.35 -13.20
CA ARG B 27 18.79 13.58 -12.43
C ARG B 27 18.41 14.83 -13.25
N PRO B 28 18.72 14.92 -14.55
CA PRO B 28 18.22 16.08 -15.30
C PRO B 28 16.70 16.18 -15.29
N MET B 29 16.02 15.03 -15.38
CA MET B 29 14.56 15.03 -15.31
C MET B 29 14.09 15.37 -13.89
N LEU B 30 14.70 14.73 -12.89
CA LEU B 30 14.31 14.97 -11.50
C LEU B 30 14.49 16.44 -11.13
N PHE B 31 15.60 17.04 -11.54
CA PHE B 31 15.83 18.46 -11.29
C PHE B 31 14.92 19.36 -12.11
N SER B 32 14.19 18.82 -13.09
CA SER B 32 13.16 19.58 -13.78
C SER B 32 11.82 19.54 -13.06
N LEU B 33 11.70 18.75 -12.00
CA LEU B 33 10.48 18.62 -11.22
C LEU B 33 10.61 19.41 -9.94
N ALA B 34 9.46 19.75 -9.35
CA ALA B 34 9.47 20.47 -8.09
C ALA B 34 10.23 19.66 -7.03
N PRO B 35 10.97 20.32 -6.14
CA PRO B 35 11.83 19.56 -5.21
C PRO B 35 11.15 18.43 -4.47
N GLU B 36 9.98 18.67 -3.86
CA GLU B 36 9.35 17.62 -3.07
C GLU B 36 8.87 16.49 -3.97
N ARG B 37 8.36 16.81 -5.16
CA ARG B 37 7.97 15.75 -6.08
C ARG B 37 9.18 14.93 -6.51
N ALA B 38 10.28 15.62 -6.86
CA ALA B 38 11.51 14.91 -7.23
C ALA B 38 11.99 14.01 -6.12
N HIS B 39 11.95 14.50 -4.88
CA HIS B 39 12.38 13.72 -3.72
C HIS B 39 11.61 12.41 -3.63
N GLU B 40 10.28 12.48 -3.69
CA GLU B 40 9.45 11.29 -3.60
C GLU B 40 9.66 10.36 -4.80
N LEU B 41 9.80 10.93 -6.00
CA LEU B 41 9.98 10.08 -7.18
C LEU B 41 11.33 9.38 -7.14
N THR B 42 12.37 10.04 -6.63
CA THR B 42 13.67 9.39 -6.52
C THR B 42 13.57 8.17 -5.62
N LEU B 43 12.91 8.32 -4.48
CA LEU B 43 12.76 7.20 -3.55
C LEU B 43 11.92 6.08 -4.14
N SER B 44 10.84 6.42 -4.86
CA SER B 44 10.04 5.37 -5.50
C SER B 44 10.84 4.62 -6.54
N MET B 45 11.64 5.33 -7.31
CA MET B 45 12.45 4.68 -8.34
C MET B 45 13.54 3.82 -7.73
N LEU B 46 14.14 4.30 -6.64
CA LEU B 46 15.12 3.50 -5.91
C LEU B 46 14.48 2.20 -5.43
N ASP B 47 13.29 2.29 -4.84
CA ASP B 47 12.58 1.10 -4.39
C ASP B 47 12.44 0.10 -5.53
N LYS B 48 12.00 0.57 -6.69
CA LYS B 48 11.73 -0.32 -7.81
C LYS B 48 13.00 -0.94 -8.35
N ALA B 49 14.03 -0.13 -8.60
CA ALA B 49 15.27 -0.68 -9.11
C ALA B 49 15.83 -1.71 -8.14
N HIS B 50 15.69 -1.44 -6.85
CA HIS B 50 16.16 -2.38 -5.83
C HIS B 50 15.40 -3.70 -5.90
N LYS B 51 14.07 -3.61 -5.94
CA LYS B 51 13.25 -4.82 -5.95
C LYS B 51 13.51 -5.66 -7.19
N LEU B 52 13.76 -5.00 -8.32
CA LEU B 52 14.04 -5.69 -9.57
C LEU B 52 15.44 -6.28 -9.63
N GLY B 53 16.29 -6.01 -8.64
CA GLY B 53 17.67 -6.44 -8.73
C GLY B 53 18.48 -5.71 -9.78
N MET B 54 18.11 -4.46 -10.09
CA MET B 54 18.85 -3.64 -11.05
C MET B 54 20.04 -2.93 -10.42
N MET B 55 20.15 -2.95 -9.09
CA MET B 55 21.06 -2.11 -8.33
C MET B 55 22.22 -2.96 -7.81
N ARG B 56 23.38 -2.81 -8.43
CA ARG B 56 24.61 -3.30 -7.82
C ARG B 56 24.79 -2.60 -6.47
N GLN B 57 25.14 -3.37 -5.45
CA GLN B 57 25.31 -2.80 -4.12
C GLN B 57 26.44 -3.49 -3.36
N GLU B 60 30.73 -2.10 1.83
CA GLU B 60 31.73 -1.10 2.23
C GLU B 60 32.09 -1.19 3.71
N ALA B 61 33.33 -1.62 3.96
CA ALA B 61 33.77 -2.11 5.25
C ALA B 61 34.76 -1.14 5.89
N LYS B 62 34.39 -0.59 7.05
CA LYS B 62 35.28 0.22 7.88
C LYS B 62 34.77 0.13 9.31
N PRO B 63 34.94 -1.04 9.94
CA PRO B 63 34.27 -1.27 11.23
C PRO B 63 34.65 -0.24 12.28
N THR B 64 33.63 0.29 12.94
CA THR B 64 33.78 1.36 13.93
C THR B 64 32.88 1.03 15.11
N THR B 65 33.46 0.98 16.31
CA THR B 65 32.70 0.72 17.52
C THR B 65 32.32 2.06 18.16
N CYS B 66 31.03 2.19 18.47
CA CYS B 66 30.52 3.45 19.00
C CYS B 66 29.23 3.15 19.76
N MET B 67 29.14 3.64 20.99
CA MET B 67 27.96 3.44 21.81
C MET B 67 27.68 1.97 22.06
N GLY B 68 28.74 1.15 22.06
CA GLY B 68 28.57 -0.28 22.25
C GLY B 68 27.99 -1.01 21.06
N ILE B 69 27.96 -0.37 19.89
CA ILE B 69 27.45 -0.95 18.66
C ILE B 69 28.62 -1.07 17.68
N GLU B 70 28.66 -2.18 16.94
CA GLU B 70 29.65 -2.37 15.89
C GLU B 70 29.05 -1.86 14.59
N PHE B 71 29.45 -0.68 14.18
CA PHE B 71 29.00 -0.14 12.89
C PHE B 71 29.87 -0.72 11.77
N PRO B 72 29.28 -1.28 10.72
CA PRO B 72 30.11 -1.83 9.63
C PRO B 72 30.93 -0.76 8.93
N ASN B 73 30.44 0.48 8.87
CA ASN B 73 31.23 1.63 8.50
C ASN B 73 30.62 2.84 9.18
N PRO B 74 31.35 3.97 9.23
CA PRO B 74 30.89 5.08 10.08
C PRO B 74 30.07 6.14 9.36
N VAL B 75 29.43 5.79 8.24
CA VAL B 75 28.72 6.75 7.40
C VAL B 75 27.24 6.39 7.43
N GLY B 76 26.42 7.24 8.02
CA GLY B 76 25.01 6.95 8.13
C GLY B 76 24.13 7.89 7.31
N LEU B 77 22.87 7.47 7.14
CA LEU B 77 21.84 8.34 6.55
C LEU B 77 21.21 9.16 7.67
N ALA B 78 21.21 10.49 7.50
CA ALA B 78 20.64 11.35 8.52
C ALA B 78 19.12 11.30 8.47
N ALA B 79 18.50 11.63 9.60
CA ALA B 79 17.05 11.63 9.67
C ALA B 79 16.45 12.64 8.69
N GLY B 80 15.23 12.36 8.26
CA GLY B 80 14.47 13.29 7.46
C GLY B 80 14.37 12.93 6.00
N LEU B 81 15.19 12.00 5.52
CA LEU B 81 15.11 11.57 4.13
C LEU B 81 14.05 10.48 3.99
N ASP B 82 14.07 9.51 4.90
CA ASP B 82 13.03 8.49 5.01
C ASP B 82 12.34 8.70 6.35
N LYS B 83 11.36 9.61 6.38
CA LYS B 83 10.74 9.97 7.65
C LYS B 83 9.91 8.82 8.22
N ASN B 84 9.39 7.95 7.36
CA ASN B 84 8.47 6.89 7.79
C ASN B 84 9.10 5.50 7.80
N GLY B 85 10.37 5.37 7.43
CA GLY B 85 10.96 4.04 7.33
C GLY B 85 10.40 3.21 6.20
N ALA B 86 9.98 3.87 5.10
CA ALA B 86 9.32 3.19 4.00
C ALA B 86 10.29 2.73 2.91
N HIS B 87 11.59 3.08 3.01
CA HIS B 87 12.53 2.83 1.94
C HIS B 87 13.82 2.21 2.46
N ILE B 88 13.76 1.54 3.61
CA ILE B 88 14.98 1.13 4.31
C ILE B 88 15.82 0.18 3.45
N ASP B 89 15.18 -0.82 2.85
CA ASP B 89 15.96 -1.86 2.17
C ASP B 89 16.68 -1.31 0.95
N ALA B 90 16.03 -0.43 0.19
CA ALA B 90 16.68 0.15 -0.97
C ALA B 90 17.77 1.13 -0.57
N LEU B 91 17.53 1.92 0.49
CA LEU B 91 18.55 2.84 0.97
C LEU B 91 19.76 2.09 1.53
N ALA B 92 19.53 0.97 2.21
CA ALA B 92 20.66 0.19 2.74
C ALA B 92 21.55 -0.31 1.60
N GLY B 93 20.98 -0.56 0.44
CA GLY B 93 21.78 -0.97 -0.72
C GLY B 93 22.74 0.10 -1.21
N LEU B 94 22.57 1.34 -0.77
CA LEU B 94 23.55 2.37 -1.12
C LEU B 94 24.84 2.26 -0.30
N GLY B 95 24.86 1.43 0.74
CA GLY B 95 26.08 1.13 1.46
C GLY B 95 26.26 1.81 2.80
N PHE B 96 25.23 2.51 3.30
CA PHE B 96 25.36 3.17 4.59
C PHE B 96 25.75 2.16 5.67
N GLY B 97 26.57 2.62 6.61
CA GLY B 97 26.85 1.82 7.81
C GLY B 97 25.70 1.81 8.79
N PHE B 98 24.83 2.82 8.73
CA PHE B 98 23.63 2.87 9.56
C PHE B 98 22.64 3.81 8.91
N ILE B 99 21.37 3.65 9.28
CA ILE B 99 20.26 4.40 8.70
C ILE B 99 19.42 4.96 9.83
N GLU B 100 19.18 6.27 9.79
CA GLU B 100 18.29 6.91 10.77
C GLU B 100 17.01 7.28 10.06
N ILE B 101 15.88 6.79 10.58
CA ILE B 101 14.56 7.10 10.07
C ILE B 101 13.85 8.02 11.06
N GLY B 102 12.76 8.64 10.58
CA GLY B 102 12.12 9.73 11.32
C GLY B 102 12.51 11.08 10.74
N THR B 103 12.14 12.15 11.45
CA THR B 103 11.42 12.13 12.73
C THR B 103 9.99 11.64 12.61
N ILE B 104 9.63 10.76 13.56
CA ILE B 104 8.29 10.19 13.63
C ILE B 104 7.60 10.72 14.88
N THR B 105 6.29 10.91 14.80
CA THR B 105 5.48 11.39 15.92
C THR B 105 4.41 10.35 16.30
N PRO B 106 3.80 10.46 17.48
CA PRO B 106 2.82 9.43 17.87
C PRO B 106 1.69 9.25 16.88
N ARG B 107 1.14 10.34 16.36
CA ARG B 107 0.07 10.30 15.39
C ARG B 107 0.56 10.86 14.06
N PRO B 108 -0.06 10.46 12.94
CA PRO B 108 0.30 11.08 11.67
C PRO B 108 0.00 12.56 11.70
N GLN B 109 0.73 13.32 10.88
CA GLN B 109 0.41 14.72 10.68
C GLN B 109 0.98 15.17 9.33
N SER B 110 0.34 16.18 8.75
CA SER B 110 0.59 16.56 7.38
C SER B 110 1.81 17.46 7.22
N GLY B 111 2.25 18.10 8.29
CA GLY B 111 3.30 19.11 8.19
C GLY B 111 2.75 20.44 7.68
N ASN B 112 3.69 21.30 7.28
CA ASN B 112 3.35 22.64 6.85
C ASN B 112 2.78 22.62 5.44
N PRO B 113 2.08 23.68 5.04
CA PRO B 113 1.58 23.74 3.66
C PRO B 113 2.71 23.93 2.66
N LYS B 114 2.47 23.46 1.44
CA LYS B 114 3.44 23.54 0.36
C LYS B 114 3.30 24.86 -0.39
N PRO B 115 4.36 25.32 -1.05
CA PRO B 115 5.70 24.70 -1.11
C PRO B 115 6.46 24.85 0.20
N ARG B 116 7.28 23.84 0.51
CA ARG B 116 8.00 23.80 1.77
C ARG B 116 9.39 23.21 1.62
N LEU B 117 9.84 22.96 0.40
CA LEU B 117 11.15 22.37 0.13
C LEU B 117 11.72 23.04 -1.10
N PHE B 118 12.94 23.56 -0.97
CA PHE B 118 13.51 24.44 -1.99
C PHE B 118 14.95 24.05 -2.24
N ARG B 119 15.29 23.92 -3.52
CA ARG B 119 16.67 23.73 -3.94
C ARG B 119 17.27 25.09 -4.28
N ILE B 120 18.46 25.36 -3.76
CA ILE B 120 19.26 26.50 -4.18
C ILE B 120 20.51 25.93 -4.83
N PRO B 121 20.45 25.51 -6.10
CA PRO B 121 21.57 24.79 -6.70
C PRO B 121 22.86 25.59 -6.78
N GLU B 122 22.78 26.91 -6.98
CA GLU B 122 24.00 27.71 -7.11
C GLU B 122 24.88 27.57 -5.88
N ALA B 123 24.29 27.28 -4.73
CA ALA B 123 25.00 27.13 -3.46
C ALA B 123 25.06 25.69 -2.99
N LYS B 124 24.60 24.74 -3.80
CA LYS B 124 24.47 23.34 -3.40
C LYS B 124 23.79 23.25 -2.03
N ALA B 125 22.65 23.93 -1.91
CA ALA B 125 21.98 24.11 -0.64
C ALA B 125 20.51 23.71 -0.77
N ILE B 126 19.90 23.48 0.39
CA ILE B 126 18.48 23.18 0.51
C ILE B 126 17.93 24.03 1.64
N ILE B 127 16.71 24.55 1.47
CA ILE B 127 15.94 25.12 2.57
C ILE B 127 14.65 24.33 2.69
N ASN B 128 14.33 23.90 3.90
CA ASN B 128 13.08 23.18 4.15
C ASN B 128 12.36 23.72 5.37
N ARG B 129 11.03 23.72 5.28
CA ARG B 129 10.16 23.88 6.44
C ARG B 129 9.08 22.79 6.38
N MET B 130 9.54 21.54 6.35
CA MET B 130 8.61 20.43 6.16
C MET B 130 7.54 20.42 7.24
N GLY B 131 7.93 20.67 8.48
CA GLY B 131 6.96 20.68 9.57
C GLY B 131 6.68 19.31 10.15
N PHE B 132 7.64 18.40 10.09
CA PHE B 132 7.51 17.07 10.68
C PHE B 132 6.31 16.31 10.11
N ASN B 133 6.18 16.35 8.78
CA ASN B 133 5.22 15.51 8.09
C ASN B 133 5.63 14.05 8.26
N ASN B 134 4.69 13.20 8.68
CA ASN B 134 4.98 11.78 8.84
C ASN B 134 3.69 11.01 9.04
N ASP B 135 3.79 9.68 8.89
CA ASP B 135 2.63 8.80 8.92
C ASP B 135 2.31 8.28 10.32
N GLY B 136 3.08 8.67 11.33
CA GLY B 136 2.84 8.20 12.68
C GLY B 136 3.62 6.95 13.01
N VAL B 137 3.83 6.75 14.31
CA VAL B 137 4.76 5.72 14.78
C VAL B 137 4.25 4.32 14.48
N ASP B 138 2.93 4.12 14.55
CA ASP B 138 2.39 2.79 14.26
C ASP B 138 2.72 2.37 12.82
N LYS B 139 2.56 3.29 11.87
CA LYS B 139 2.88 2.97 10.47
C LYS B 139 4.37 2.73 10.30
N LEU B 140 5.21 3.51 10.97
CA LEU B 140 6.65 3.31 10.88
C LEU B 140 7.02 1.89 11.34
N ILE B 141 6.41 1.45 12.44
CA ILE B 141 6.73 0.13 12.97
C ILE B 141 6.32 -0.96 11.99
N GLU B 142 5.16 -0.79 11.34
CA GLU B 142 4.76 -1.75 10.32
C GLU B 142 5.74 -1.76 9.16
N ASN B 143 6.24 -0.58 8.77
CA ASN B 143 7.23 -0.51 7.71
C ASN B 143 8.51 -1.22 8.11
N VAL B 144 9.00 -0.95 9.32
CA VAL B 144 10.22 -1.60 9.81
C VAL B 144 10.03 -3.10 9.84
N LYS B 145 8.92 -3.57 10.42
CA LYS B 145 8.64 -5.00 10.47
C LYS B 145 8.68 -5.62 9.09
N ALA B 146 8.16 -4.93 8.08
CA ALA B 146 8.10 -5.48 6.74
C ALA B 146 9.44 -5.44 6.02
N SER B 147 10.41 -4.69 6.53
CA SER B 147 11.69 -4.58 5.87
C SER B 147 12.57 -5.78 6.20
N LYS B 148 13.45 -6.13 5.27
CA LYS B 148 14.43 -7.17 5.50
C LYS B 148 15.69 -6.64 6.17
N PHE B 149 15.86 -5.32 6.24
CA PHE B 149 17.03 -4.74 6.85
C PHE B 149 17.18 -5.21 8.29
N ARG B 150 18.37 -5.68 8.63
CA ARG B 150 18.71 -6.03 10.01
C ARG B 150 20.02 -5.38 10.44
N GLY B 151 20.43 -4.30 9.79
CA GLY B 151 21.60 -3.54 10.19
C GLY B 151 21.25 -2.54 11.28
N ILE B 152 22.08 -1.51 11.38
CA ILE B 152 21.95 -0.51 12.45
C ILE B 152 20.88 0.51 12.04
N LEU B 153 19.78 0.53 12.79
CA LEU B 153 18.62 1.37 12.49
C LEU B 153 18.39 2.34 13.64
N GLY B 154 18.59 3.63 13.37
CA GLY B 154 18.25 4.66 14.33
C GLY B 154 16.83 5.15 14.05
N ILE B 155 16.12 5.43 15.12
CA ILE B 155 14.75 5.94 15.02
C ILE B 155 14.70 7.26 15.78
N ASN B 156 14.34 8.31 15.05
CA ASN B 156 14.30 9.68 15.56
C ASN B 156 12.85 9.99 15.90
N ILE B 157 12.60 10.32 17.17
CA ILE B 157 11.23 10.42 17.70
C ILE B 157 10.95 11.85 18.13
N GLY B 158 9.71 12.27 17.91
CA GLY B 158 9.31 13.64 18.19
C GLY B 158 7.90 13.73 18.74
N LYS B 159 7.38 14.94 18.77
CA LYS B 159 6.05 15.19 19.31
C LYS B 159 5.16 15.77 18.22
N ASN B 160 3.87 15.49 18.34
CA ASN B 160 2.90 16.07 17.43
C ASN B 160 2.82 17.59 17.62
N ALA B 161 2.63 18.31 16.52
CA ALA B 161 2.65 19.76 16.56
C ALA B 161 1.50 20.32 17.40
N ASP B 162 0.37 19.63 17.46
CA ASP B 162 -0.76 20.13 18.23
C ASP B 162 -0.73 19.70 19.69
N THR B 163 0.29 18.96 20.12
CA THR B 163 0.35 18.51 21.51
C THR B 163 0.71 19.69 22.40
N PRO B 164 -0.07 19.98 23.44
CA PRO B 164 0.25 21.10 24.32
C PRO B 164 1.62 20.94 24.97
N VAL B 165 2.23 22.06 25.33
CA VAL B 165 3.54 22.02 25.97
C VAL B 165 3.50 21.17 27.23
N GLU B 166 2.43 21.28 28.01
CA GLU B 166 2.34 20.51 29.25
C GLU B 166 2.24 19.01 29.00
N LYS B 167 1.94 18.59 27.76
CA LYS B 167 1.83 17.18 27.42
C LYS B 167 2.95 16.71 26.50
N ALA B 168 3.98 17.55 26.29
CA ALA B 168 4.99 17.25 25.29
C ALA B 168 5.77 15.97 25.65
N VAL B 169 6.16 15.83 26.90
CA VAL B 169 6.97 14.68 27.29
C VAL B 169 6.23 13.39 26.98
N ASP B 170 4.90 13.40 27.16
CA ASP B 170 4.14 12.17 26.95
C ASP B 170 4.22 11.69 25.50
N ASP B 171 4.36 12.59 24.53
CA ASP B 171 4.54 12.18 23.14
C ASP B 171 5.86 11.45 22.95
N TYR B 172 6.95 11.99 23.50
CA TYR B 172 8.24 11.31 23.41
C TYR B 172 8.17 9.95 24.08
N LEU B 173 7.47 9.85 25.21
CA LEU B 173 7.38 8.57 25.92
C LEU B 173 6.59 7.55 25.11
N ILE B 174 5.51 7.97 24.46
CA ILE B 174 4.76 7.07 23.59
C ILE B 174 5.67 6.51 22.50
N CYS B 175 6.38 7.38 21.78
CA CYS B 175 7.26 6.89 20.73
C CYS B 175 8.35 6.00 21.29
N LEU B 176 8.96 6.42 22.41
CA LEU B 176 10.05 5.65 23.01
C LEU B 176 9.61 4.22 23.30
N GLU B 177 8.44 4.05 23.92
CA GLU B 177 8.05 2.69 24.29
C GLU B 177 7.58 1.89 23.08
N LYS B 178 7.01 2.55 22.06
CA LYS B 178 6.56 1.80 20.89
C LYS B 178 7.71 1.38 19.99
N VAL B 179 8.78 2.18 19.89
CA VAL B 179 9.88 1.84 18.98
C VAL B 179 11.03 1.09 19.66
N TYR B 180 10.99 0.92 20.98
CA TYR B 180 12.15 0.44 21.71
C TYR B 180 12.67 -0.88 21.14
N ASN B 181 11.78 -1.83 20.89
CA ASN B 181 12.17 -3.16 20.45
C ASN B 181 12.44 -3.25 18.96
N TYR B 182 12.49 -2.13 18.26
CA TYR B 182 12.78 -2.10 16.84
C TYR B 182 13.97 -1.22 16.49
N ALA B 183 14.51 -0.48 17.45
CA ALA B 183 15.57 0.49 17.20
C ALA B 183 16.92 -0.05 17.65
N SER B 184 17.95 0.25 16.85
CA SER B 184 19.31 0.06 17.31
C SER B 184 19.76 1.19 18.21
N TYR B 185 19.30 2.42 17.93
CA TYR B 185 19.47 3.56 18.81
C TYR B 185 18.30 4.51 18.54
N ILE B 186 18.08 5.44 19.47
CA ILE B 186 16.96 6.38 19.39
C ILE B 186 17.51 7.79 19.48
N THR B 187 17.03 8.69 18.60
CA THR B 187 17.46 10.07 18.59
C THR B 187 16.31 10.97 19.00
N VAL B 188 16.59 11.89 19.92
CA VAL B 188 15.65 12.96 20.30
C VAL B 188 16.32 14.29 19.99
N ASN B 189 15.67 15.09 19.16
CA ASN B 189 16.15 16.44 18.85
C ASN B 189 15.79 17.38 20.00
N ILE B 190 16.74 18.24 20.38
CA ILE B 190 16.53 19.23 21.44
C ILE B 190 16.65 20.65 20.92
N ASP B 205 15.88 24.00 31.43
CA ASP B 205 15.12 23.51 32.58
C ASP B 205 14.13 22.46 32.11
N ALA B 206 13.41 22.77 31.04
CA ALA B 206 12.53 21.78 30.43
C ALA B 206 13.31 20.67 29.76
N LEU B 207 14.55 20.96 29.34
CA LEU B 207 15.41 19.91 28.82
C LEU B 207 15.76 18.92 29.91
N THR B 208 16.20 19.43 31.08
CA THR B 208 16.53 18.56 32.20
C THR B 208 15.36 17.65 32.53
N GLU B 209 14.15 18.20 32.60
CA GLU B 209 12.99 17.38 32.93
C GLU B 209 12.75 16.31 31.87
N LEU B 210 12.82 16.68 30.59
CA LEU B 210 12.59 15.71 29.53
C LEU B 210 13.62 14.59 29.59
N LEU B 211 14.90 14.94 29.77
CA LEU B 211 15.93 13.92 29.80
C LEU B 211 15.76 12.98 30.99
N GLN B 212 15.44 13.54 32.14
CA GLN B 212 15.24 12.73 33.34
C GLN B 212 14.13 11.71 33.11
N THR B 213 13.01 12.16 32.55
CA THR B 213 11.87 11.26 32.32
C THR B 213 12.20 10.23 31.24
N LEU B 214 12.82 10.66 30.14
CA LEU B 214 13.11 9.71 29.07
C LEU B 214 14.16 8.70 29.50
N LYS B 215 15.20 9.16 30.20
CA LYS B 215 16.24 8.23 30.63
C LYS B 215 15.68 7.22 31.63
N ALA B 216 14.83 7.67 32.56
CA ALA B 216 14.23 6.75 33.51
C ALA B 216 13.40 5.69 32.80
N ARG B 217 12.62 6.10 31.79
CA ARG B 217 11.81 5.14 31.07
C ARG B 217 12.66 4.22 30.22
N GLN B 218 13.67 4.78 29.57
CA GLN B 218 14.58 3.94 28.78
C GLN B 218 15.16 2.83 29.63
N LEU B 219 15.60 3.15 30.85
CA LEU B 219 16.19 2.12 31.70
C LEU B 219 15.17 1.05 32.07
N GLU B 220 13.90 1.44 32.26
CA GLU B 220 12.87 0.46 32.54
C GLU B 220 12.68 -0.47 31.35
N LEU B 221 12.65 0.11 30.15
CA LEU B 221 12.47 -0.69 28.94
C LEU B 221 13.65 -1.62 28.72
N ALA B 222 14.88 -1.16 28.97
CA ALA B 222 16.03 -2.03 28.83
C ALA B 222 15.92 -3.26 29.74
N GLU B 223 15.47 -3.06 30.98
CA GLU B 223 15.31 -4.20 31.88
C GLU B 223 14.19 -5.12 31.42
N GLN B 224 13.06 -4.53 31.00
CA GLN B 224 11.89 -5.32 30.64
C GLN B 224 12.18 -6.20 29.43
N TYR B 225 12.84 -5.64 28.41
CA TYR B 225 13.09 -6.35 27.16
C TYR B 225 14.52 -6.86 27.07
N ASN B 226 15.33 -6.68 28.11
CA ASN B 226 16.64 -7.32 28.25
C ASN B 226 17.59 -6.97 27.11
N HIS B 227 17.54 -5.72 26.65
CA HIS B 227 18.51 -5.23 25.69
C HIS B 227 18.56 -3.71 25.84
N TYR B 228 19.76 -3.14 25.71
CA TYR B 228 19.98 -1.72 25.86
C TYR B 228 19.98 -1.04 24.50
N VAL B 229 19.12 -0.03 24.33
CA VAL B 229 19.03 0.76 23.12
C VAL B 229 19.58 2.15 23.44
N PRO B 230 20.72 2.56 22.88
CA PRO B 230 21.29 3.86 23.22
C PRO B 230 20.38 5.03 22.87
N LEU B 231 20.50 6.10 23.67
CA LEU B 231 19.76 7.34 23.48
C LEU B 231 20.74 8.41 22.99
N VAL B 232 20.36 9.07 21.90
CA VAL B 232 21.18 10.08 21.24
C VAL B 232 20.38 11.37 21.19
N LEU B 233 21.02 12.50 21.52
CA LEU B 233 20.40 13.80 21.34
C LEU B 233 20.97 14.47 20.11
N LYS B 234 20.17 15.33 19.47
CA LYS B 234 20.57 16.03 18.25
C LYS B 234 20.26 17.52 18.40
N VAL B 235 21.25 18.35 18.09
CA VAL B 235 21.16 19.80 18.31
C VAL B 235 21.28 20.54 16.99
N ALA B 236 20.70 21.74 16.95
CA ALA B 236 20.91 22.66 15.85
C ALA B 236 22.28 23.32 16.01
N PRO B 237 22.79 23.95 14.94
CA PRO B 237 24.11 24.59 15.03
C PRO B 237 24.08 26.04 15.49
N ASP B 238 22.90 26.58 15.80
CA ASP B 238 22.77 27.99 16.18
C ASP B 238 22.69 28.09 17.70
N LEU B 239 23.83 27.84 18.33
CA LEU B 239 23.95 27.80 19.78
C LEU B 239 24.98 28.81 20.25
N THR B 240 24.73 29.37 21.42
CA THR B 240 25.68 30.25 22.09
C THR B 240 26.64 29.41 22.91
N ALA B 241 27.77 30.03 23.27
CA ALA B 241 28.72 29.37 24.16
C ALA B 241 28.03 28.88 25.42
N GLU B 242 27.01 29.61 25.88
CA GLU B 242 26.27 29.21 27.07
C GLU B 242 25.41 27.99 26.80
N ASP B 243 24.89 27.85 25.59
CA ASP B 243 24.09 26.67 25.25
C ASP B 243 24.96 25.41 25.23
N VAL B 244 26.10 25.48 24.54
CA VAL B 244 27.01 24.33 24.52
C VAL B 244 27.38 23.92 25.93
N GLU B 245 27.69 24.90 26.79
CA GLU B 245 28.02 24.59 28.17
C GLU B 245 26.88 23.83 28.84
N PHE B 246 25.66 24.38 28.78
CA PHE B 246 24.54 23.75 29.47
C PHE B 246 24.22 22.38 28.88
N ILE B 247 24.14 22.29 27.55
CA ILE B 247 23.79 21.02 26.92
C ILE B 247 24.79 19.94 27.32
N SER B 248 26.08 20.26 27.30
CA SER B 248 27.08 19.27 27.65
C SER B 248 26.90 18.77 29.08
N ALA B 249 26.53 19.67 30.00
CA ALA B 249 26.29 19.26 31.38
C ALA B 249 25.17 18.23 31.46
N GLN B 250 24.08 18.45 30.72
CA GLN B 250 22.98 17.50 30.71
C GLN B 250 23.40 16.17 30.11
N LEU B 251 24.16 16.21 29.01
CA LEU B 251 24.62 14.98 28.38
C LEU B 251 25.36 14.11 29.39
N LEU B 252 26.30 14.70 30.12
CA LEU B 252 27.05 13.95 31.11
C LEU B 252 26.18 13.59 32.31
N ASP B 253 25.35 14.54 32.77
CA ASP B 253 24.51 14.31 33.94
C ASP B 253 23.65 13.07 33.75
N PHE B 254 22.99 12.95 32.60
CA PHE B 254 22.05 11.88 32.33
C PHE B 254 22.67 10.73 31.53
N LYS B 255 23.98 10.74 31.35
CA LYS B 255 24.69 9.64 30.68
C LYS B 255 24.08 9.36 29.31
N ILE B 256 23.92 10.42 28.52
CA ILE B 256 23.45 10.27 27.16
C ILE B 256 24.53 9.56 26.35
N ASP B 257 24.11 8.71 25.42
CA ASP B 257 25.06 7.83 24.75
C ASP B 257 25.75 8.50 23.58
N GLY B 258 25.12 9.50 22.96
CA GLY B 258 25.72 10.17 21.82
C GLY B 258 25.07 11.51 21.56
N LEU B 259 25.77 12.33 20.78
CA LEU B 259 25.27 13.64 20.35
C LEU B 259 25.46 13.78 18.86
N ILE B 260 24.40 14.17 18.15
CA ILE B 260 24.46 14.47 16.72
C ILE B 260 24.57 15.98 16.55
N VAL B 261 25.60 16.41 15.82
CA VAL B 261 25.89 17.82 15.58
C VAL B 261 26.14 17.93 14.07
N THR B 262 25.17 18.48 13.31
CA THR B 262 24.00 19.20 13.78
C THR B 262 22.81 19.06 12.82
N ASN B 263 21.67 19.60 13.25
CA ASN B 263 20.50 19.80 12.42
C ASN B 263 20.74 20.99 11.49
N THR B 264 19.68 21.47 10.84
CA THR B 264 19.79 22.60 9.91
C THR B 264 19.91 23.93 10.66
N THR B 265 20.29 24.97 9.91
CA THR B 265 20.50 26.31 10.47
C THR B 265 19.44 27.29 9.96
N LEU B 266 19.10 28.25 10.82
CA LEU B 266 18.21 29.33 10.44
C LEU B 266 18.95 30.46 9.72
N SER B 267 20.27 30.42 9.69
CA SER B 267 21.02 31.43 8.96
C SER B 267 20.81 31.27 7.46
N ARG B 268 20.98 32.38 6.74
CA ARG B 268 20.95 32.36 5.29
C ARG B 268 22.26 32.84 4.69
N GLU B 269 23.36 32.74 5.45
CA GLU B 269 24.68 33.09 4.96
C GLU B 269 25.07 32.16 3.83
N GLY B 270 25.19 32.69 2.61
CA GLY B 270 25.58 31.95 1.44
C GLY B 270 24.48 31.83 0.39
N VAL B 271 23.23 32.07 0.76
CA VAL B 271 22.13 32.01 -0.18
C VAL B 271 21.33 33.30 -0.26
N GLU B 272 21.50 34.19 0.72
CA GLU B 272 20.78 35.46 0.78
C GLU B 272 20.66 36.14 -0.59
N ASN B 273 21.67 35.99 -1.43
CA ASN B 273 21.66 36.57 -2.77
C ASN B 273 21.40 35.51 -3.84
N LEU B 274 20.41 34.64 -3.62
CA LEU B 274 20.10 33.57 -4.55
C LEU B 274 18.60 33.34 -4.56
N PRO B 275 18.05 32.79 -5.64
CA PRO B 275 16.62 32.48 -5.67
C PRO B 275 16.26 31.45 -4.61
N TYR B 276 15.09 31.64 -3.99
CA TYR B 276 14.61 30.85 -2.86
C TYR B 276 15.42 31.07 -1.61
N GLY B 277 16.51 31.85 -1.67
CA GLY B 277 17.37 32.09 -0.53
C GLY B 277 16.72 32.87 0.58
N ASN B 278 15.52 33.41 0.36
CA ASN B 278 14.80 34.18 1.36
C ASN B 278 13.76 33.35 2.12
N GLU B 279 13.57 32.09 1.75
CA GLU B 279 12.50 31.27 2.32
C GLU B 279 12.80 30.91 3.77
N SER B 280 11.75 30.89 4.60
CA SER B 280 11.92 30.49 5.97
C SER B 280 12.11 28.98 6.07
N GLY B 281 12.79 28.56 7.13
CA GLY B 281 13.01 27.16 7.40
C GLY B 281 14.45 26.93 7.80
N GLY B 282 14.90 25.69 7.66
CA GLY B 282 16.27 25.32 7.97
C GLY B 282 17.08 25.15 6.69
N LEU B 283 18.31 25.65 6.73
CA LEU B 283 19.22 25.57 5.59
C LEU B 283 20.19 24.42 5.79
N SER B 284 20.36 23.60 4.77
CA SER B 284 21.29 22.48 4.78
C SER B 284 22.13 22.53 3.50
N GLY B 285 23.06 21.58 3.39
CA GLY B 285 23.95 21.56 2.25
C GLY B 285 25.22 22.36 2.51
N ALA B 286 25.89 22.72 1.40
CA ALA B 286 27.19 23.37 1.51
C ALA B 286 27.22 24.53 2.50
N PRO B 287 26.25 25.44 2.53
CA PRO B 287 26.38 26.63 3.39
C PRO B 287 26.38 26.33 4.89
N VAL B 288 25.96 25.14 5.33
CA VAL B 288 25.96 24.82 6.76
C VAL B 288 27.18 24.02 7.19
N PHE B 289 28.10 23.71 6.28
CA PHE B 289 29.24 22.89 6.64
C PHE B 289 30.08 23.55 7.73
N GLU B 290 30.47 24.81 7.54
CA GLU B 290 31.38 25.46 8.48
C GLU B 290 30.74 25.63 9.85
N LYS B 291 29.49 26.10 9.89
CA LYS B 291 28.84 26.34 11.18
C LYS B 291 28.59 25.04 11.93
N SER B 292 28.13 24.01 11.23
CA SER B 292 27.89 22.72 11.89
C SER B 292 29.19 22.10 12.38
N THR B 293 30.27 22.22 11.60
CA THR B 293 31.54 21.65 12.02
C THR B 293 32.13 22.42 13.19
N GLU B 294 31.95 23.74 13.21
CA GLU B 294 32.43 24.53 14.35
C GLU B 294 31.63 24.20 15.61
N CYS B 295 30.32 24.00 15.48
CA CYS B 295 29.53 23.53 16.61
C CYS B 295 30.07 22.21 17.14
N LEU B 296 30.39 21.29 16.22
CA LEU B 296 30.99 20.02 16.61
C LEU B 296 32.29 20.22 17.38
N ARG B 297 33.14 21.14 16.91
CA ARG B 297 34.39 21.41 17.59
C ARG B 297 34.17 21.82 19.04
N LEU B 298 33.24 22.74 19.27
CA LEU B 298 32.99 23.24 20.62
C LEU B 298 32.56 22.11 21.55
N PHE B 299 31.60 21.29 21.11
CA PHE B 299 31.17 20.15 21.93
C PHE B 299 32.34 19.20 22.17
N ALA B 300 33.13 18.93 21.13
CA ALA B 300 34.31 18.07 21.31
C ALA B 300 35.26 18.65 22.34
N GLN B 301 35.38 19.99 22.39
CA GLN B 301 36.25 20.61 23.38
C GLN B 301 35.67 20.47 24.78
N THR B 302 34.35 20.63 24.92
CA THR B 302 33.72 20.58 26.24
C THR B 302 33.64 19.16 26.77
N LEU B 303 33.35 18.19 25.90
CA LEU B 303 33.06 16.83 26.35
C LEU B 303 34.33 16.01 26.55
N LYS B 304 35.41 16.34 25.85
CA LYS B 304 36.72 15.72 26.09
C LYS B 304 36.66 14.19 26.00
N GLY B 305 36.13 13.70 24.89
CA GLY B 305 36.09 12.28 24.62
C GLY B 305 35.10 11.49 25.42
N GLN B 306 34.28 12.14 26.26
CA GLN B 306 33.39 11.41 27.14
C GLN B 306 32.12 10.93 26.44
N ILE B 307 31.68 11.61 25.38
CA ILE B 307 30.45 11.22 24.70
C ILE B 307 30.66 11.21 23.20
N PRO B 308 30.37 10.10 22.50
CA PRO B 308 30.59 10.06 21.06
C PRO B 308 29.83 11.16 20.32
N LEU B 309 30.48 11.72 19.31
CA LEU B 309 29.91 12.79 18.49
C LEU B 309 29.66 12.29 17.07
N ILE B 310 28.50 12.62 16.54
CA ILE B 310 28.08 12.24 15.19
C ILE B 310 27.96 13.52 14.38
N GLY B 311 28.85 13.68 13.39
CA GLY B 311 28.98 14.92 12.66
C GLY B 311 28.10 14.92 11.43
N VAL B 312 27.27 15.95 11.32
CA VAL B 312 26.29 16.10 10.25
C VAL B 312 26.26 17.57 9.84
N GLY B 313 26.14 17.82 8.55
CA GLY B 313 25.91 19.17 8.07
C GLY B 313 26.82 19.56 6.94
N GLY B 314 26.26 19.64 5.73
CA GLY B 314 27.01 20.14 4.59
C GLY B 314 28.09 19.21 4.08
N ILE B 315 28.01 17.91 4.38
CA ILE B 315 28.97 16.96 3.82
C ILE B 315 28.57 16.71 2.36
N LEU B 316 29.35 17.26 1.43
CA LEU B 316 29.14 17.02 0.01
C LEU B 316 30.29 16.26 -0.64
N SER B 317 31.36 15.99 0.09
CA SER B 317 32.49 15.24 -0.42
C SER B 317 33.04 14.37 0.69
N GLY B 318 33.81 13.35 0.30
CA GLY B 318 34.47 12.53 1.31
C GLY B 318 35.41 13.32 2.17
N GLU B 319 36.08 14.32 1.60
CA GLU B 319 36.98 15.17 2.37
C GLU B 319 36.26 15.79 3.55
N GLN B 320 35.03 16.26 3.35
CA GLN B 320 34.29 16.91 4.43
C GLN B 320 33.90 15.94 5.53
N ALA B 321 33.64 14.68 5.18
CA ALA B 321 33.41 13.68 6.22
C ALA B 321 34.67 13.46 7.04
N ALA B 322 35.83 13.41 6.37
CA ALA B 322 37.09 13.31 7.09
C ALA B 322 37.32 14.54 7.98
N ALA B 323 36.81 15.71 7.56
CA ALA B 323 36.98 16.91 8.37
C ALA B 323 36.15 16.85 9.65
N LYS B 324 34.91 16.36 9.55
CA LYS B 324 34.11 16.13 10.76
C LYS B 324 34.85 15.24 11.73
N GLN B 325 35.37 14.11 11.24
CA GLN B 325 36.12 13.19 12.07
C GLN B 325 37.32 13.86 12.72
N GLN B 326 38.06 14.67 11.96
CA GLN B 326 39.20 15.38 12.51
C GLN B 326 38.78 16.42 13.53
N ALA B 327 37.55 16.93 13.47
CA ALA B 327 37.06 17.88 14.45
C ALA B 327 36.49 17.22 15.69
N GLY B 328 36.42 15.88 15.73
CA GLY B 328 36.02 15.17 16.93
C GLY B 328 34.92 14.14 16.76
N ALA B 329 34.44 13.96 15.53
CA ALA B 329 33.33 13.06 15.28
C ALA B 329 33.81 11.62 15.14
N THR B 330 33.04 10.68 15.70
CA THR B 330 33.31 9.25 15.49
C THR B 330 32.54 8.70 14.31
N LEU B 331 31.31 9.17 14.10
CA LEU B 331 30.48 8.83 12.96
C LEU B 331 30.06 10.12 12.26
N VAL B 332 29.54 9.97 11.04
CA VAL B 332 28.93 11.09 10.31
C VAL B 332 27.60 10.62 9.74
N GLN B 333 26.74 11.58 9.41
CA GLN B 333 25.55 11.32 8.62
C GLN B 333 25.48 12.30 7.46
N ILE B 334 24.86 11.85 6.36
CA ILE B 334 24.70 12.67 5.17
C ILE B 334 23.22 12.73 4.80
N TYR B 335 22.88 13.78 4.07
CA TYR B 335 21.54 13.95 3.51
C TYR B 335 21.65 14.81 2.26
N SER B 336 21.83 16.12 2.43
CA SER B 336 21.70 17.02 1.29
C SER B 336 22.74 16.72 0.21
N GLY B 337 23.88 16.14 0.59
CA GLY B 337 24.88 15.80 -0.40
C GLY B 337 24.45 14.72 -1.36
N LEU B 338 23.51 13.87 -0.94
CA LEU B 338 22.95 12.88 -1.84
C LEU B 338 22.18 13.53 -3.00
N ILE B 339 21.60 14.70 -2.76
CA ILE B 339 20.90 15.41 -3.82
C ILE B 339 21.87 15.89 -4.89
N TYR B 340 22.97 16.52 -4.46
CA TYR B 340 23.88 17.18 -5.39
C TYR B 340 25.02 16.27 -5.85
N THR B 341 25.69 15.61 -4.91
CA THR B 341 26.77 14.72 -5.27
C THR B 341 26.25 13.36 -5.71
N GLY B 342 25.13 12.92 -5.13
CA GLY B 342 24.52 11.67 -5.51
C GLY B 342 24.99 10.51 -4.67
N PRO B 343 24.45 9.33 -4.96
CA PRO B 343 24.78 8.14 -4.15
C PRO B 343 26.27 7.87 -3.99
N THR B 344 27.11 8.24 -4.95
CA THR B 344 28.54 7.98 -4.84
C THR B 344 29.13 8.58 -3.55
N LEU B 345 28.42 9.53 -2.93
CA LEU B 345 28.94 10.17 -1.73
C LEU B 345 29.15 9.19 -0.59
N VAL B 346 28.32 8.14 -0.52
CA VAL B 346 28.47 7.16 0.56
C VAL B 346 29.86 6.52 0.49
N LYS B 347 30.20 5.96 -0.67
CA LYS B 347 31.51 5.32 -0.84
C LYS B 347 32.64 6.32 -0.62
N GLN B 348 32.49 7.54 -1.13
CA GLN B 348 33.56 8.52 -0.97
C GLN B 348 33.80 8.84 0.49
N CYS B 349 32.73 8.98 1.29
CA CYS B 349 32.91 9.25 2.71
C CYS B 349 33.58 8.08 3.43
N VAL B 350 33.16 6.85 3.13
CA VAL B 350 33.75 5.70 3.81
C VAL B 350 35.25 5.61 3.49
N GLU B 351 35.63 5.83 2.23
CA GLU B 351 37.04 5.71 1.86
C GLU B 351 37.88 6.85 2.45
N ALA B 352 37.30 8.04 2.58
CA ALA B 352 38.09 9.19 3.02
C ALA B 352 38.32 9.21 4.53
N MET B 353 37.41 8.63 5.31
CA MET B 353 37.50 8.74 6.77
C MET B 353 38.64 7.88 7.31
N THR B 354 38.93 8.09 8.60
CA THR B 354 39.98 7.39 9.34
C THR B 354 41.33 7.63 8.69
C13 OBR C . -33.06 -9.75 -10.73
C23 OBR C . -35.18 -13.32 -9.45
C22 OBR C . -32.12 -12.06 -12.01
C21 OBR C . -32.02 -10.82 -12.61
C12 OBR C . -33.17 -11.02 -10.10
C14 OBR C . -32.44 -9.67 -11.98
C01 OBR C . -37.60 -13.20 -8.69
C02 OBR C . -36.20 -13.82 -8.66
C04 OBR C . -34.76 -15.36 -7.71
C06 OBR C . -32.97 -16.57 -7.23
C07 OBR C . -32.62 -15.66 -8.20
C09 OBR C . -33.93 -13.88 -9.36
C11 OBR C . -32.72 -12.17 -10.74
F16 OBR C . -32.76 -8.75 -14.11
F17 OBR C . -31.81 -7.44 -11.56
F18 OBR C . -32.18 -6.73 -13.52
F19 OBR C . -30.80 -8.43 -13.19
F20 OBR C . -33.83 -7.76 -12.43
N03 OBR C . -36.00 -14.83 -7.79
N05 OBR C . -34.28 -16.41 -6.93
N08 OBR C . -33.74 -14.92 -8.52
N10 OBR C . -32.82 -13.47 -10.13
S15 OBR C . -32.30 -8.13 -12.80
H131 OBR C . -33.40 -8.94 -10.29
H231 OBR C . -35.35 -12.57 -10.08
H221 OBR C . -31.77 -12.85 -12.46
H211 OBR C . -31.63 -10.76 -13.51
H121 OBR C . -33.59 -11.09 -9.22
H011 OBR C . -37.87 -13.06 -9.63
H012 OBR C . -37.60 -12.35 -8.22
H013 OBR C . -38.24 -13.81 -8.27
H061 OBR C . -32.37 -17.23 -6.83
H071 OBR C . -31.73 -15.55 -8.59
H101 OBR C . -32.12 -14.06 -10.24
N1 FMN D . -19.04 -15.99 -8.67
C2 FMN D . -18.16 -16.32 -9.70
O2 FMN D . -17.01 -15.89 -9.59
N3 FMN D . -18.59 -17.05 -10.73
C4 FMN D . -19.80 -17.59 -10.91
O4 FMN D . -20.15 -18.19 -11.92
C4A FMN D . -20.75 -17.31 -9.86
N5 FMN D . -22.02 -17.85 -9.92
C5A FMN D . -22.97 -17.43 -8.92
C6 FMN D . -24.26 -17.89 -9.02
C7 FMN D . -25.22 -17.49 -8.05
C7M FMN D . -26.62 -18.02 -8.23
C8 FMN D . -24.76 -16.66 -7.02
C8M FMN D . -25.76 -16.19 -5.96
C9 FMN D . -23.48 -16.19 -6.91
C9A FMN D . -22.54 -16.62 -7.88
N10 FMN D . -21.22 -16.16 -7.76
C10 FMN D . -20.30 -16.52 -8.81
C1' FMN D . -20.70 -15.34 -6.65
C2' FMN D . -21.05 -13.86 -6.76
O2' FMN D . -20.26 -13.29 -7.85
C3' FMN D . -20.62 -13.13 -5.51
O3' FMN D . -19.20 -13.20 -5.29
C4' FMN D . -21.37 -13.62 -4.22
O4' FMN D . -22.67 -14.01 -4.60
C5' FMN D . -21.35 -12.56 -3.11
O5' FMN D . -22.01 -11.35 -3.49
P FMN D . -23.57 -11.08 -3.13
O1P FMN D . -24.38 -11.84 -4.08
O2P FMN D . -23.76 -9.59 -3.39
O3P FMN D . -23.82 -11.45 -1.67
HN3 FMN D . -17.89 -17.24 -11.48
H6 FMN D . -24.55 -18.54 -9.84
HM71 FMN D . -27.27 -17.60 -7.46
HM72 FMN D . -26.61 -19.10 -8.15
HM73 FMN D . -26.99 -17.73 -9.21
HM81 FMN D . -25.26 -15.50 -5.27
HM82 FMN D . -26.12 -17.06 -5.40
HM83 FMN D . -26.59 -15.69 -6.44
H9 FMN D . -23.19 -15.53 -6.11
H1'1 FMN D . -19.61 -15.44 -6.62
H1'2 FMN D . -21.10 -15.72 -5.71
H2' FMN D . -22.12 -13.75 -6.92
HO2' FMN D . -19.57 -12.70 -7.49
H3' FMN D . -20.88 -12.09 -5.68
HO3' FMN D . -19.02 -13.18 -4.33
H4' FMN D . -20.88 -14.49 -3.78
HO4' FMN D . -23.33 -13.46 -4.12
H5'1 FMN D . -20.32 -12.34 -2.85
H5'2 FMN D . -21.84 -12.97 -2.22
N1 ORO E . -21.35 -20.51 -7.29
C2 ORO E . -20.77 -19.63 -6.45
O2 ORO E . -21.29 -19.28 -5.40
N3 ORO E . -19.56 -19.09 -6.85
C4 ORO E . -18.91 -19.45 -8.02
O4 ORO E . -17.79 -18.99 -8.24
C5 ORO E . -19.58 -20.34 -8.87
C6 ORO E . -20.76 -20.89 -8.48
C7 ORO E . -21.44 -21.93 -9.29
O71 ORO E . -21.51 -21.93 -10.49
O72 ORO E . -21.91 -22.93 -8.52
C1 GOL F . -21.11 -22.86 -4.71
O1 GOL F . -21.24 -23.70 -5.89
C2 GOL F . -19.57 -22.70 -4.41
O2 GOL F . -18.96 -21.69 -5.16
C3 GOL F . -19.46 -22.39 -2.91
O3 GOL F . -19.84 -23.55 -2.25
H11 GOL F . -21.55 -23.24 -3.93
H12 GOL F . -21.50 -21.99 -4.85
HO1 GOL F . -21.52 -23.20 -6.51
H2 GOL F . -19.14 -23.53 -4.65
HO2 GOL F . -18.23 -21.47 -4.78
H31 GOL F . -20.01 -21.62 -2.70
H32 GOL F . -18.56 -22.10 -2.71
HO3 GOL F . -20.11 -23.31 -1.47
C1 GOL G . -36.75 -25.30 -3.74
O1 GOL G . -36.48 -26.24 -4.75
C2 GOL G . -38.29 -25.13 -3.70
O2 GOL G . -38.72 -24.65 -4.94
C3 GOL G . -38.96 -26.55 -3.37
O3 GOL G . -38.76 -26.95 -1.99
H11 GOL G . -36.35 -24.44 -3.90
H12 GOL G . -36.45 -25.59 -2.87
HO1 GOL G . -36.18 -25.79 -5.41
H2 GOL G . -38.54 -24.51 -3.00
HO2 GOL G . -38.33 -25.11 -5.55
H31 GOL G . -38.58 -27.19 -4.00
H32 GOL G . -39.89 -26.49 -3.60
HO3 GOL G . -38.89 -26.26 -1.50
C1 GOL H . -14.73 -24.23 -11.86
O1 GOL H . -13.86 -23.33 -12.62
C2 GOL H . -13.86 -25.23 -10.99
O2 GOL H . -12.63 -24.71 -10.62
C3 GOL H . -14.71 -25.56 -9.70
O3 GOL H . -14.17 -24.78 -8.64
H11 GOL H . -15.30 -24.76 -12.45
H12 GOL H . -15.32 -23.75 -11.26
HO1 GOL H . -13.08 -23.44 -12.29
H2 GOL H . -13.70 -26.01 -11.53
HO2 GOL H . -12.76 -23.92 -10.33
H31 GOL H . -14.67 -26.51 -9.55
H32 GOL H . -15.64 -25.36 -9.89
HO3 GOL H . -13.35 -25.00 -8.57
C13 OBR I . 18.73 11.39 -3.76
C23 OBR I . 16.30 14.56 -5.36
C22 OBR I . 16.23 11.48 -2.51
C21 OBR I . 16.94 10.29 -2.55
C12 OBR I . 18.01 12.59 -3.72
C14 OBR I . 18.18 10.24 -3.18
C01 OBR I . 16.60 15.35 -7.76
C02 OBR I . 16.26 15.59 -6.30
C04 OBR I . 15.56 17.11 -4.58
C06 OBR I . 14.98 17.95 -2.61
C07 OBR I . 15.25 16.61 -2.45
C09 OBR I . 15.97 14.84 -4.05
C11 OBR I . 16.76 12.63 -3.10
F16 OBR I . 17.65 7.98 -3.43
F17 OBR I . 20.39 9.43 -2.96
F18 OBR I . 19.74 7.31 -3.22
F19 OBR I . 18.80 8.57 -1.66
F20 OBR I . 19.25 8.85 -4.76
N03 OBR I . 15.89 16.85 -5.92
N05 OBR I . 15.18 18.27 -3.92
N08 OBR I . 15.61 16.10 -3.69
N10 OBR I . 15.99 13.84 -3.02
S15 OBR I . 19.03 8.70 -3.20
H131 OBR I . 19.60 11.35 -4.20
H231 OBR I . 16.55 13.66 -5.63
H221 OBR I . 15.35 11.52 -2.07
H211 OBR I . 16.56 9.48 -2.14
H121 OBR I . 18.39 13.40 -4.12
H011 OBR I . 17.50 15.71 -7.94
H012 OBR I . 15.95 15.79 -8.34
H013 OBR I . 16.60 14.38 -7.94
H061 OBR I . 14.70 18.57 -1.89
H071 OBR I . 15.19 16.10 -1.62
H101 OBR I . 15.50 13.98 -2.26
N1 FMN J . 16.50 16.11 10.89
C2 FMN J . 15.81 15.46 11.87
O2 FMN J . 16.36 15.23 12.96
N3 FMN J . 14.50 15.05 11.66
C4 FMN J . 13.89 15.32 10.45
O4 FMN J . 12.73 14.93 10.29
C4A FMN J . 14.60 15.99 9.45
N5 FMN J . 13.99 16.29 8.22
C5A FMN J . 14.73 16.93 7.25
C6 FMN J . 14.13 17.20 6.02
C7 FMN J . 14.84 17.85 5.02
C7M FMN J . 14.15 18.12 3.70
C8 FMN J . 16.17 18.24 5.25
C8M FMN J . 16.97 18.95 4.21
C9 FMN J . 16.77 17.97 6.48
C9A FMN J . 16.05 17.31 7.48
N10 FMN J . 16.65 17.03 8.71
C10 FMN J . 15.91 16.39 9.68
C1' FMN J . 18.07 17.46 9.02
C2' FMN J . 19.16 16.52 8.53
O2' FMN J . 18.99 15.29 9.22
C3' FMN J . 20.56 17.10 8.76
O3' FMN J . 20.76 17.26 10.15
C4' FMN J . 20.73 18.46 8.08
O4' FMN J . 20.00 18.52 6.85
C5' FMN J . 22.18 18.87 7.81
O5' FMN J . 22.86 17.86 7.09
P FMN J . 23.11 18.02 5.50
O1P FMN J . 21.77 17.76 4.85
O2P FMN J . 24.10 16.96 5.10
O3P FMN J . 23.57 19.42 5.24
HN3 FMN J . 14.00 14.53 12.40
H6 FMN J . 13.08 16.90 5.84
HM71 FMN J . 14.90 18.30 2.94
HM72 FMN J . 13.51 18.99 3.81
HM73 FMN J . 13.55 17.25 3.43
HM81 FMN J . 17.90 19.30 4.64
HM82 FMN J . 16.40 19.79 3.83
HM83 FMN J . 17.19 18.25 3.39
H9 FMN J . 17.80 18.27 6.66
H1'1 FMN J . 18.16 17.58 10.10
H1'2 FMN J . 18.24 18.44 8.57
H2' FMN J . 19.07 16.37 7.46
HO2' FMN J . 19.80 15.08 9.71
H3' FMN J . 21.28 16.41 8.31
HO3' FMN J . 21.19 18.13 10.32
H4' FMN J . 20.32 19.19 8.79
HO4' FMN J . 20.60 18.80 6.14
H5'1 FMN J . 22.69 19.05 8.76
H5'2 FMN J . 22.20 19.80 7.24
N1 ORO K . 13.38 20.04 9.21
C2 ORO K . 14.68 20.16 9.59
O2 ORO K . 15.50 20.82 8.94
N3 ORO K . 15.03 19.47 10.73
C4 ORO K . 14.18 18.70 11.50
O4 ORO K . 14.63 18.16 12.52
C5 ORO K . 12.84 18.62 11.06
C6 ORO K . 12.46 19.28 9.92
C7 ORO K . 11.08 19.28 9.42
O71 ORO K . 10.65 20.47 9.05
O72 ORO K . 10.40 18.26 9.40
#